data_1M69
# 
_entry.id   1M69 
# 
_audit_conform.dict_name       mmcif_pdbx.dic 
_audit_conform.dict_version    5.389 
_audit_conform.dict_location   http://mmcif.pdb.org/dictionaries/ascii/mmcif_pdbx.dic 
# 
loop_
_database_2.database_id 
_database_2.database_code 
_database_2.pdbx_database_accession 
_database_2.pdbx_DOI 
PDB   1M69         pdb_00001m69 10.2210/pdb1m69/pdb 
NDB   DD0051       ?            ?                   
RCSB  RCSB016650   ?            ?                   
WWPDB D_1000016650 ?            ?                   
# 
loop_
_pdbx_audit_revision_history.ordinal 
_pdbx_audit_revision_history.data_content_type 
_pdbx_audit_revision_history.major_revision 
_pdbx_audit_revision_history.minor_revision 
_pdbx_audit_revision_history.revision_date 
1 'Structure model' 1 0 2003-08-19 
2 'Structure model' 1 1 2008-04-28 
3 'Structure model' 1 2 2011-07-13 
4 'Structure model' 1 3 2012-02-08 
5 'Structure model' 1 4 2017-10-11 
6 'Structure model' 1 5 2024-02-14 
7 'Structure model' 1 6 2024-04-03 
# 
_pdbx_audit_revision_details.ordinal             1 
_pdbx_audit_revision_details.revision_ordinal    1 
_pdbx_audit_revision_details.data_content_type   'Structure model' 
_pdbx_audit_revision_details.provider            repository 
_pdbx_audit_revision_details.type                'Initial release' 
_pdbx_audit_revision_details.description         ? 
_pdbx_audit_revision_details.details             ? 
# 
loop_
_pdbx_audit_revision_group.ordinal 
_pdbx_audit_revision_group.revision_ordinal 
_pdbx_audit_revision_group.data_content_type 
_pdbx_audit_revision_group.group 
1 2 'Structure model' 'Version format compliance' 
2 3 'Structure model' 'Version format compliance' 
3 4 'Structure model' 'Derived calculations'      
4 5 'Structure model' 'Refinement description'    
5 6 'Structure model' 'Data collection'           
6 6 'Structure model' 'Database references'       
7 6 'Structure model' 'Derived calculations'      
8 7 'Structure model' 'Refinement description'    
# 
loop_
_pdbx_audit_revision_category.ordinal 
_pdbx_audit_revision_category.revision_ordinal 
_pdbx_audit_revision_category.data_content_type 
_pdbx_audit_revision_category.category 
1 5 'Structure model' software                      
2 6 'Structure model' chem_comp_atom                
3 6 'Structure model' chem_comp_bond                
4 6 'Structure model' database_2                    
5 6 'Structure model' diffrn_source                 
6 6 'Structure model' struct_site                   
7 7 'Structure model' pdbx_initial_refinement_model 
# 
loop_
_pdbx_audit_revision_item.ordinal 
_pdbx_audit_revision_item.revision_ordinal 
_pdbx_audit_revision_item.data_content_type 
_pdbx_audit_revision_item.item 
1 6 'Structure model' '_database_2.pdbx_DOI'                 
2 6 'Structure model' '_database_2.pdbx_database_accession'  
3 6 'Structure model' '_diffrn_source.pdbx_synchrotron_site' 
4 6 'Structure model' '_struct_site.pdbx_auth_asym_id'       
5 6 'Structure model' '_struct_site.pdbx_auth_comp_id'       
6 6 'Structure model' '_struct_site.pdbx_auth_seq_id'        
# 
_database_PDB_caveat.id     1 
_database_PDB_caveat.text   'There are chirality errors in the coordinates.' 
# 
_pdbx_database_status.status_code                     REL 
_pdbx_database_status.entry_id                        1M69 
_pdbx_database_status.recvd_initial_deposition_date   2002-07-15 
_pdbx_database_status.deposit_site                    RCSB 
_pdbx_database_status.process_site                    RCSB 
_pdbx_database_status.status_code_sf                  REL 
_pdbx_database_status.SG_entry                        . 
_pdbx_database_status.status_code_mr                  ? 
_pdbx_database_status.status_code_cs                  ? 
_pdbx_database_status.pdb_format_compatible           Y 
_pdbx_database_status.methods_development_category    ? 
_pdbx_database_status.status_code_nmr_data            ? 
# 
_pdbx_database_related.db_name        NDB 
_pdbx_database_related.db_id          ddf073 
_pdbx_database_related.details        'Model used for Mol. Replacement solution' 
_pdbx_database_related.content_type   unspecified 
# 
loop_
_audit_author.name 
_audit_author.pdbx_ordinal 
'Teixeira, S.C.M.' 1 
'Thorpe, J.H.'     2 
'Todd, A.K.'       3 
'Cardin, C.J.'     4 
# 
loop_
_citation.id 
_citation.title 
_citation.journal_abbrev 
_citation.journal_volume 
_citation.page_first 
_citation.page_last 
_citation.year 
_citation.journal_id_ASTM 
_citation.country 
_citation.journal_id_ISSN 
_citation.journal_id_CSD 
_citation.book_publisher 
_citation.pdbx_database_id_PubMed 
_citation.pdbx_database_id_DOI 
primary 
;Heavy Going: the Atomic Resolution Structure of a Topoisomerase II Poison Intercalating into DNA in Multiple Orientations Also Reveals a Multiple Adenine-Thymine Hydrogen Bonding Pattern
;
'To be Published' ? ? ? ?    ? ? ? 0353 ? ? ? 
1       'Reading University: Single Crystal X-Ray Diffraction Studies of DNA and DNA-drug complexes' Thesis            ? ? ? 1999 
? ? ? ?    ? ? ? 
# 
loop_
_citation_author.citation_id 
_citation_author.name 
_citation_author.ordinal 
_citation_author.identifier_ORCID 
primary 'Teixeira, S.C.M.' 1 ? 
primary 'Thorpe, J.H.'     2 ? 
primary 'Todd, A.K.'       3 ? 
primary 'Cardin, C.J.'     4 ? 
1       'Todd, A.K.'       5 ? 
# 
loop_
_entity.id 
_entity.type 
_entity.src_method 
_entity.pdbx_description 
_entity.formula_weight 
_entity.pdbx_number_of_molecules 
_entity.pdbx_ec 
_entity.pdbx_mutation 
_entity.pdbx_fragment 
_entity.details 
1 polymer     syn "5'-D(*CP*GP*TP*AP*CP*G)-3'"                                      1809.217 1  ? ? ? ? 
2 non-polymer syn '5-BROMO-N[2-(DIMETHYLAMINO)ETHYL]-9-AMINOACRIDINE-4-CARBOXAMIDE' 389.290  2  ? ? ? ? 
3 non-polymer syn SPERMINE                                                          202.340  1  ? ? ? ? 
4 water       nat water                                                             18.015   37 ? ? ? ? 
# 
_entity_poly.entity_id                      1 
_entity_poly.type                           polydeoxyribonucleotide 
_entity_poly.nstd_linkage                   no 
_entity_poly.nstd_monomer                   no 
_entity_poly.pdbx_seq_one_letter_code       '(DC)(DG)(DT)(DA)(DC)(DG)' 
_entity_poly.pdbx_seq_one_letter_code_can   CGTACG 
_entity_poly.pdbx_strand_id                 A 
_entity_poly.pdbx_target_identifier         ? 
# 
loop_
_pdbx_entity_nonpoly.entity_id 
_pdbx_entity_nonpoly.name 
_pdbx_entity_nonpoly.comp_id 
2 '5-BROMO-N[2-(DIMETHYLAMINO)ETHYL]-9-AMINOACRIDINE-4-CARBOXAMIDE' DAX 
3 SPERMINE                                                          SPM 
4 water                                                             HOH 
# 
loop_
_entity_poly_seq.entity_id 
_entity_poly_seq.num 
_entity_poly_seq.mon_id 
_entity_poly_seq.hetero 
1 1 DC n 
1 2 DG n 
1 3 DT n 
1 4 DA n 
1 5 DC n 
1 6 DG n 
# 
loop_
_chem_comp.id 
_chem_comp.type 
_chem_comp.mon_nstd_flag 
_chem_comp.name 
_chem_comp.pdbx_synonyms 
_chem_comp.formula 
_chem_comp.formula_weight 
DA  'DNA linking' y "2'-DEOXYADENOSINE-5'-MONOPHOSPHATE"                              ? 'C10 H14 N5 O6 P'   331.222 
DAX non-polymer   . '5-BROMO-N[2-(DIMETHYLAMINO)ETHYL]-9-AMINOACRIDINE-4-CARBOXAMIDE' ? 'C18 H21 Br N4 O 2' 389.290 
DC  'DNA linking' y "2'-DEOXYCYTIDINE-5'-MONOPHOSPHATE"                               ? 'C9 H14 N3 O7 P'    307.197 
DG  'DNA linking' y "2'-DEOXYGUANOSINE-5'-MONOPHOSPHATE"                              ? 'C10 H14 N5 O7 P'   347.221 
DT  'DNA linking' y "THYMIDINE-5'-MONOPHOSPHATE"                                      ? 'C10 H15 N2 O8 P'   322.208 
HOH non-polymer   . WATER                                                             ? 'H2 O'              18.015  
SPM non-polymer   . SPERMINE                                                          ? 'C10 H26 N4'        202.340 
# 
loop_
_pdbx_poly_seq_scheme.asym_id 
_pdbx_poly_seq_scheme.entity_id 
_pdbx_poly_seq_scheme.seq_id 
_pdbx_poly_seq_scheme.mon_id 
_pdbx_poly_seq_scheme.ndb_seq_num 
_pdbx_poly_seq_scheme.pdb_seq_num 
_pdbx_poly_seq_scheme.auth_seq_num 
_pdbx_poly_seq_scheme.pdb_mon_id 
_pdbx_poly_seq_scheme.auth_mon_id 
_pdbx_poly_seq_scheme.pdb_strand_id 
_pdbx_poly_seq_scheme.pdb_ins_code 
_pdbx_poly_seq_scheme.hetero 
A 1 1 DC 1 1001 1001 DC C A . n 
A 1 2 DG 2 1002 1002 DG G A . n 
A 1 3 DT 3 1003 1003 DT T A . n 
A 1 4 DA 4 1004 1004 DA A A . n 
A 1 5 DC 5 1005 1005 DC C A . n 
A 1 6 DG 6 1006 1006 DG G A . n 
# 
loop_
_pdbx_nonpoly_scheme.asym_id 
_pdbx_nonpoly_scheme.entity_id 
_pdbx_nonpoly_scheme.mon_id 
_pdbx_nonpoly_scheme.ndb_seq_num 
_pdbx_nonpoly_scheme.pdb_seq_num 
_pdbx_nonpoly_scheme.auth_seq_num 
_pdbx_nonpoly_scheme.pdb_mon_id 
_pdbx_nonpoly_scheme.auth_mon_id 
_pdbx_nonpoly_scheme.pdb_strand_id 
_pdbx_nonpoly_scheme.pdb_ins_code 
B 2 DAX 1  2000 2000 DAX DAX A . 
C 2 DAX 1  3000 3000 DAX DAX A . 
D 3 SPM 1  4000 4000 SPM SPM A . 
E 4 HOH 1  5001 5001 HOH HOH A . 
E 4 HOH 2  5002 5002 HOH HOH A . 
E 4 HOH 3  5003 5003 HOH HOH A . 
E 4 HOH 4  5004 5004 HOH HOH A . 
E 4 HOH 5  5005 5005 HOH HOH A . 
E 4 HOH 6  5006 5006 HOH HOH A . 
E 4 HOH 7  5007 5007 HOH HOH A . 
E 4 HOH 8  5008 5008 HOH HOH A . 
E 4 HOH 9  5009 5009 HOH HOH A . 
E 4 HOH 10 5010 5010 HOH HOH A . 
E 4 HOH 11 5011 5011 HOH HOH A . 
E 4 HOH 12 5012 5012 HOH HOH A . 
E 4 HOH 13 5013 5013 HOH HOH A . 
E 4 HOH 14 5014 5014 HOH HOH A . 
E 4 HOH 15 5015 5015 HOH HOH A . 
E 4 HOH 16 5016 5016 HOH HOH A . 
E 4 HOH 17 5017 5017 HOH HOH A . 
E 4 HOH 18 5018 5018 HOH HOH A . 
E 4 HOH 19 5019 5019 HOH HOH A . 
E 4 HOH 20 5020 5020 HOH HOH A . 
E 4 HOH 21 5021 5021 HOH HOH A . 
E 4 HOH 22 5022 5022 HOH HOH A . 
E 4 HOH 23 5023 5023 HOH HOH A . 
E 4 HOH 24 5024 5024 HOH HOH A . 
E 4 HOH 25 5025 5025 HOH HOH A . 
E 4 HOH 26 5026 5026 HOH HOH A . 
E 4 HOH 27 5027 5027 HOH HOH A . 
E 4 HOH 28 5028 5028 HOH HOH A . 
E 4 HOH 29 5029 5029 HOH HOH A . 
E 4 HOH 30 5030 5030 HOH HOH A . 
E 4 HOH 31 5031 5031 HOH HOH A . 
E 4 HOH 32 5032 5032 HOH HOH A . 
E 4 HOH 33 5033 5033 HOH HOH A . 
E 4 HOH 34 5037 5037 HOH HOH A . 
E 4 HOH 35 5039 5039 HOH HOH A . 
E 4 HOH 36 5042 5042 HOH HOH A . 
E 4 HOH 37 5043 5043 HOH HOH A . 
# 
loop_
_pdbx_unobs_or_zero_occ_atoms.id 
_pdbx_unobs_or_zero_occ_atoms.PDB_model_num 
_pdbx_unobs_or_zero_occ_atoms.polymer_flag 
_pdbx_unobs_or_zero_occ_atoms.occupancy_flag 
_pdbx_unobs_or_zero_occ_atoms.auth_asym_id 
_pdbx_unobs_or_zero_occ_atoms.auth_comp_id 
_pdbx_unobs_or_zero_occ_atoms.auth_seq_id 
_pdbx_unobs_or_zero_occ_atoms.PDB_ins_code 
_pdbx_unobs_or_zero_occ_atoms.auth_atom_id 
_pdbx_unobs_or_zero_occ_atoms.label_alt_id 
_pdbx_unobs_or_zero_occ_atoms.label_asym_id 
_pdbx_unobs_or_zero_occ_atoms.label_comp_id 
_pdbx_unobs_or_zero_occ_atoms.label_seq_id 
_pdbx_unobs_or_zero_occ_atoms.label_atom_id 
1 1 N 1 A SPM 4000 ? C8  ? D SPM 1 C8  
2 1 N 1 A SPM 4000 ? C9  ? D SPM 1 C9  
3 1 N 1 A SPM 4000 ? N10 ? D SPM 1 N10 
4 1 N 1 A SPM 4000 ? C11 ? D SPM 1 C11 
5 1 N 1 A SPM 4000 ? C12 ? D SPM 1 C12 
6 1 N 1 A SPM 4000 ? C13 ? D SPM 1 C13 
7 1 N 1 A SPM 4000 ? N14 ? D SPM 1 N14 
# 
loop_
_software.name 
_software.classification 
_software.version 
_software.citation_id 
_software.pdbx_ordinal 
MAR345    'data collection' . ? 1 
XDS       'data reduction'  . ? 2 
SHELX     'model building'  . ? 3 
SHELXL-97 refinement        . ? 4 
XDS       'data scaling'    . ? 5 
SHELX     phasing           . ? 6 
# 
_cell.entry_id           1M69 
_cell.length_a           30.186 
_cell.length_b           30.186 
_cell.length_c           39.443 
_cell.angle_alpha        90.00 
_cell.angle_beta         90.00 
_cell.angle_gamma        120.00 
_cell.Z_PDB              6 
_cell.pdbx_unique_axis   ? 
# 
_symmetry.entry_id                         1M69 
_symmetry.space_group_name_H-M             'P 64' 
_symmetry.pdbx_full_space_group_name_H-M   ? 
_symmetry.cell_setting                     ? 
_symmetry.Int_Tables_number                172 
# 
_exptl.entry_id          1M69 
_exptl.method            'X-RAY DIFFRACTION' 
_exptl.crystals_number   1 
# 
_exptl_crystal.id                    1 
_exptl_crystal.density_meas          ? 
_exptl_crystal.density_Matthews      2.31 
_exptl_crystal.density_percent_sol   55.21 
_exptl_crystal.description           ? 
# 
_exptl_crystal_grow.crystal_id      1 
_exptl_crystal_grow.method          'VAPOR DIFFUSION, SITTING DROP' 
_exptl_crystal_grow.temp            290.15 
_exptl_crystal_grow.temp_details    ? 
_exptl_crystal_grow.pH              6.5 
_exptl_crystal_grow.pdbx_details    
'Ammonium acetate, magnesium acetate, sodium cacodylate, PEG 8000, pH 6.5, VAPOR DIFFUSION, SITTING DROP, temperature 290.15K' 
_exptl_crystal_grow.pdbx_pH_range   . 
# 
loop_
_exptl_crystal_grow_comp.crystal_id 
_exptl_crystal_grow_comp.id 
_exptl_crystal_grow_comp.sol_id 
_exptl_crystal_grow_comp.name 
_exptl_crystal_grow_comp.conc 
_exptl_crystal_grow_comp.volume 
_exptl_crystal_grow_comp.details 
1 1 1 'Ammonium acetate'  ? ? ? 
1 2 1 'magnesium acetate' ? ? ? 
1 3 1 'sodium cacodylate' ? ? ? 
1 4 1 'PEG 8000'          ? ? ? 
# 
_diffrn.id                     1 
_diffrn.ambient_temp           100 
_diffrn.ambient_temp_details   ? 
_diffrn.crystal_id             1 
# 
_diffrn_detector.diffrn_id              1 
_diffrn_detector.detector               CCD 
_diffrn_detector.type                   MARRESEARCH 
_diffrn_detector.pdbx_collection_date   2001-12-10 
_diffrn_detector.details                ? 
# 
_diffrn_radiation.diffrn_id                        1 
_diffrn_radiation.wavelength_id                    1 
_diffrn_radiation.pdbx_monochromatic_or_laue_m_l   M 
_diffrn_radiation.monochromator                    'Triangular monochromator' 
_diffrn_radiation.pdbx_diffrn_protocol             'SINGLE WAVELENGTH' 
_diffrn_radiation.pdbx_scattering_type             x-ray 
# 
_diffrn_radiation_wavelength.id           1 
_diffrn_radiation_wavelength.wavelength   0.8068 
_diffrn_radiation_wavelength.wt           1.0 
# 
_diffrn_source.diffrn_id                   1 
_diffrn_source.source                      SYNCHROTRON 
_diffrn_source.type                        'EMBL/DESY, HAMBURG BEAMLINE X11' 
_diffrn_source.pdbx_synchrotron_site       'EMBL/DESY, HAMBURG' 
_diffrn_source.pdbx_synchrotron_beamline   X11 
_diffrn_source.pdbx_wavelength             ? 
_diffrn_source.pdbx_wavelength_list        0.8068 
# 
_reflns.entry_id                     1M69 
_reflns.observed_criterion_sigma_I   2 
_reflns.observed_criterion_sigma_F   4 
_reflns.d_resolution_low             10 
_reflns.d_resolution_high            1.1 
_reflns.number_obs                   8308 
_reflns.number_all                   ? 
_reflns.percent_possible_obs         94.72 
_reflns.pdbx_Rmerge_I_obs            ? 
_reflns.pdbx_Rsym_value              ? 
_reflns.pdbx_netI_over_sigmaI        ? 
_reflns.B_iso_Wilson_estimate        ? 
_reflns.pdbx_redundancy              ? 
_reflns.R_free_details               ? 
_reflns.pdbx_ordinal                 1 
_reflns.pdbx_diffrn_id               1 
# 
_reflns_shell.d_res_high             1.1 
_reflns_shell.d_res_low              1.15 
_reflns_shell.percent_possible_all   95.79 
_reflns_shell.Rmerge_I_obs           ? 
_reflns_shell.pdbx_Rsym_value        ? 
_reflns_shell.meanI_over_sigI_obs    ? 
_reflns_shell.pdbx_redundancy        ? 
_reflns_shell.percent_possible_obs   ? 
_reflns_shell.number_unique_all      ? 
_reflns_shell.pdbx_ordinal           1 
_reflns_shell.pdbx_diffrn_id         1 
# 
_refine.entry_id                                 1M69 
_refine.ls_number_reflns_obs                     7350 
_refine.ls_number_reflns_all                     7900 
_refine.pdbx_ls_sigma_I                          ? 
_refine.pdbx_ls_sigma_F                          4.0 
_refine.pdbx_data_cutoff_high_absF               ? 
_refine.pdbx_data_cutoff_low_absF                ? 
_refine.ls_d_res_low                             10.00 
_refine.ls_d_res_high                            1.10 
_refine.ls_percent_reflns_obs                    94.8 
_refine.ls_R_factor_obs                          0.1325 
_refine.ls_R_factor_all                          0.1325 
_refine.ls_R_factor_R_work                       0.1325 
_refine.ls_R_factor_R_free                       0.1864 
_refine.ls_R_factor_R_free_error                 ? 
_refine.ls_R_factor_R_free_error_details         ? 
_refine.ls_percent_reflns_R_free                 5.2 
_refine.ls_number_reflns_R_free                  408 
_refine.ls_number_parameters                     2113 
_refine.ls_number_restraints                     3689 
_refine.occupancy_min                            ? 
_refine.occupancy_max                            ? 
_refine.correlation_coeff_Fo_to_Fc               ? 
_refine.correlation_coeff_Fo_to_Fc_free          ? 
_refine.B_iso_mean                               ? 
_refine.aniso_B[1][1]                            ? 
_refine.aniso_B[2][2]                            ? 
_refine.aniso_B[3][3]                            ? 
_refine.aniso_B[1][2]                            ? 
_refine.aniso_B[1][3]                            ? 
_refine.aniso_B[2][3]                            ? 
_refine.solvent_model_details                    'MOEWS & KRETSINGER, J.MOL.BIOL.91(1973)201-228' 
_refine.solvent_model_param_ksol                 ? 
_refine.solvent_model_param_bsol                 ? 
_refine.pdbx_solvent_vdw_probe_radii             ? 
_refine.pdbx_solvent_ion_probe_radii             ? 
_refine.pdbx_solvent_shrinkage_radii             ? 
_refine.pdbx_ls_cross_valid_method               'FREE R' 
_refine.details                                  'ANISOTROPIC REFINEMENT REDUCED FREE R (NO CUTOFF) BY ?' 
_refine.pdbx_starting_model                      'ddf073 structure, with corrected sequence' 
_refine.pdbx_method_to_determine_struct          'MOLECULAR REPLACEMENT' 
_refine.pdbx_isotropic_thermal_model             ? 
_refine.pdbx_stereochemistry_target_values       ? 
_refine.pdbx_stereochem_target_val_spec_case     ? 
_refine.pdbx_R_Free_selection_details            RANDOM 
_refine.pdbx_overall_ESU_R_Free                  ? 
_refine.overall_SU_B                             ? 
_refine.ls_redundancy_reflns_obs                 ? 
_refine.overall_SU_R_Cruickshank_DPI             ? 
_refine.overall_SU_R_free                        ? 
_refine.overall_SU_ML                            ? 
_refine.pdbx_overall_ESU_R                       ? 
_refine.pdbx_data_cutoff_high_rms_absF           ? 
_refine.pdbx_refine_id                           'X-RAY DIFFRACTION' 
_refine.pdbx_diffrn_id                           1 
_refine.pdbx_TLS_residual_ADP_flag               ? 
_refine.pdbx_overall_phase_error                 ? 
_refine.pdbx_overall_SU_R_free_Cruickshank_DPI   ? 
_refine.pdbx_overall_SU_R_Blow_DPI               ? 
_refine.pdbx_overall_SU_R_free_Blow_DPI          ? 
# 
_refine_analyze.entry_id                        1M69 
_refine_analyze.Luzzati_coordinate_error_obs    ? 
_refine_analyze.Luzzati_sigma_a_obs             ? 
_refine_analyze.Luzzati_d_res_low_obs           ? 
_refine_analyze.Luzzati_coordinate_error_free   ? 
_refine_analyze.Luzzati_sigma_a_free            ? 
_refine_analyze.Luzzati_d_res_low_free          ? 
_refine_analyze.number_disordered_residues      7 
_refine_analyze.occupancy_sum_hydrogen          81.00 
_refine_analyze.occupancy_sum_non_hydrogen      190.25 
_refine_analyze.pdbx_refine_id                  'X-RAY DIFFRACTION' 
# 
_refine_hist.pdbx_refine_id                   'X-RAY DIFFRACTION' 
_refine_hist.cycle_id                         LAST 
_refine_hist.pdbx_number_atoms_protein        0 
_refine_hist.pdbx_number_atoms_nucleic_acid   120 
_refine_hist.pdbx_number_atoms_ligand         55 
_refine_hist.number_atoms_solvent             37 
_refine_hist.number_atoms_total               212 
_refine_hist.d_res_high                       1.10 
_refine_hist.d_res_low                        10.00 
# 
loop_
_refine_ls_restr.type 
_refine_ls_restr.dev_ideal 
_refine_ls_restr.dev_ideal_target 
_refine_ls_restr.weight 
_refine_ls_restr.number 
_refine_ls_restr.pdbx_refine_id 
_refine_ls_restr.pdbx_restraint_function 
s_bond_d               0.037  ? ? ? 'X-RAY DIFFRACTION' ? 
s_angle_d              0.000  ? ? ? 'X-RAY DIFFRACTION' ? 
s_similar_dist         0.070  ? ? ? 'X-RAY DIFFRACTION' ? 
s_from_restr_planes    0.0028 ? ? ? 'X-RAY DIFFRACTION' ? 
s_zero_chiral_vol      0.000  ? ? ? 'X-RAY DIFFRACTION' ? 
s_non_zero_chiral_vol  0.000  ? ? ? 'X-RAY DIFFRACTION' ? 
s_anti_bump_dis_restr  0.015  ? ? ? 'X-RAY DIFFRACTION' ? 
s_rigid_bond_adp_cmpnt 0.005  ? ? ? 'X-RAY DIFFRACTION' ? 
s_similar_adp_cmpnt    0.046  ? ? ? 'X-RAY DIFFRACTION' ? 
s_approx_iso_adps      0.000  ? ? ? 'X-RAY DIFFRACTION' ? 
# 
_refine_ls_shell.pdbx_total_number_of_bins_used   ? 
_refine_ls_shell.d_res_high                       1.1 
_refine_ls_shell.d_res_low                        1.15 
_refine_ls_shell.number_reflns_R_work             ? 
_refine_ls_shell.R_factor_R_work                  0.177 
_refine_ls_shell.percent_reflns_obs               95.79 
_refine_ls_shell.R_factor_R_free                  ? 
_refine_ls_shell.R_factor_R_free_error            ? 
_refine_ls_shell.percent_reflns_R_free            ? 
_refine_ls_shell.number_reflns_R_free             ? 
_refine_ls_shell.redundancy_reflns_obs            ? 
_refine_ls_shell.pdbx_refine_id                   'X-RAY DIFFRACTION' 
_refine_ls_shell.number_reflns_all                ? 
_refine_ls_shell.R_factor_all                     ? 
# 
_pdbx_refine.entry_id                                    1M69 
_pdbx_refine.R_factor_all_no_cutoff                      0.1587 
_pdbx_refine.R_factor_obs_no_cutoff                      0.1572 
_pdbx_refine.free_R_factor_no_cutoff                     0.2102 
_pdbx_refine.free_R_val_test_set_size_perc_no_cutoff     5.2 
_pdbx_refine.free_R_val_test_set_ct_no_cutoff            408 
_pdbx_refine.R_factor_all_4sig_cutoff                    0.1295 
_pdbx_refine.R_factor_obs_4sig_cutoff                    0.1295 
_pdbx_refine.free_R_factor_4sig_cutoff                   0.1833 
_pdbx_refine.free_R_val_test_set_size_perc_4sig_cutoff   5.0 
_pdbx_refine.free_R_val_test_set_ct_4sig_cutoff          371 
_pdbx_refine.number_reflns_obs_4sig_cutoff               7350 
_pdbx_refine.number_reflns_obs_no_cutoff                 ? 
_pdbx_refine.pdbx_refine_id                              'X-RAY DIFFRACTION' 
_pdbx_refine.free_R_error_no_cutoff                      ? 
# 
_struct.entry_id                  1M69 
_struct.title                     'Atomic Resolution Structure of 5Br-9amino-DACA with d[CGTACG]2' 
_struct.pdbx_model_details        ? 
_struct.pdbx_CASP_flag            ? 
_struct.pdbx_model_type_details   ? 
# 
_struct_keywords.entry_id        1M69 
_struct_keywords.pdbx_keywords   DNA 
_struct_keywords.text            'atomic resolution, adenine-thymine disorder, topoisomerase II poison, DNA' 
# 
loop_
_struct_asym.id 
_struct_asym.pdbx_blank_PDB_chainid_flag 
_struct_asym.pdbx_modified 
_struct_asym.entity_id 
_struct_asym.details 
A N N 1 ? 
B N N 2 ? 
C N N 2 ? 
D N N 3 ? 
E N N 4 ? 
# 
_struct_ref.id                         1 
_struct_ref.entity_id                  1 
_struct_ref.db_name                    PDB 
_struct_ref.db_code                    1M69 
_struct_ref.pdbx_db_accession          1M69 
_struct_ref.pdbx_db_isoform            ? 
_struct_ref.pdbx_seq_one_letter_code   ? 
_struct_ref.pdbx_align_begin           ? 
# 
_struct_ref_seq.align_id                      1 
_struct_ref_seq.ref_id                        1 
_struct_ref_seq.pdbx_PDB_id_code              1M69 
_struct_ref_seq.pdbx_strand_id                A 
_struct_ref_seq.seq_align_beg                 1 
_struct_ref_seq.pdbx_seq_align_beg_ins_code   ? 
_struct_ref_seq.seq_align_end                 6 
_struct_ref_seq.pdbx_seq_align_end_ins_code   ? 
_struct_ref_seq.pdbx_db_accession             1M69 
_struct_ref_seq.db_align_beg                  1001 
_struct_ref_seq.pdbx_db_align_beg_ins_code    ? 
_struct_ref_seq.db_align_end                  1006 
_struct_ref_seq.pdbx_db_align_end_ins_code    ? 
_struct_ref_seq.pdbx_auth_seq_align_beg       1001 
_struct_ref_seq.pdbx_auth_seq_align_end       1006 
# 
_pdbx_struct_assembly.id                   1 
_pdbx_struct_assembly.details              author_defined_assembly 
_pdbx_struct_assembly.method_details       ? 
_pdbx_struct_assembly.oligomeric_details   dimeric 
_pdbx_struct_assembly.oligomeric_count     2 
# 
_pdbx_struct_assembly_gen.assembly_id       1 
_pdbx_struct_assembly_gen.oper_expression   1,2 
_pdbx_struct_assembly_gen.asym_id_list      A,B,C,D,E 
# 
loop_
_pdbx_struct_oper_list.id 
_pdbx_struct_oper_list.type 
_pdbx_struct_oper_list.name 
_pdbx_struct_oper_list.symmetry_operation 
_pdbx_struct_oper_list.matrix[1][1] 
_pdbx_struct_oper_list.matrix[1][2] 
_pdbx_struct_oper_list.matrix[1][3] 
_pdbx_struct_oper_list.vector[1] 
_pdbx_struct_oper_list.matrix[2][1] 
_pdbx_struct_oper_list.matrix[2][2] 
_pdbx_struct_oper_list.matrix[2][3] 
_pdbx_struct_oper_list.vector[2] 
_pdbx_struct_oper_list.matrix[3][1] 
_pdbx_struct_oper_list.matrix[3][2] 
_pdbx_struct_oper_list.matrix[3][3] 
_pdbx_struct_oper_list.vector[3] 
1 'identity operation'         1_555 x,y,z     1.0000000000  0.0000000000 0.0000000000 0.0000000000 0.0000000000 1.0000000000  0.0000000000 0.0000000000  0.0000000000 0.0000000000 1.0000000000 0.0000000000  
2 'crystal symmetry operation' 4_655 -x+1,-y,z -0.7967148224 0.3736855649 0.4749785156 7.9576371966 0.3736855649 -0.3130787838 0.8731212824 -0.5368891232 0.4749785156 0.8731212824 0.1097936062 -2.9833812031 
# 
_struct_biol.id                    1 
_struct_biol.pdbx_parent_biol_id   ? 
_struct_biol.details               ? 
# 
loop_
_struct_conn.id 
_struct_conn.conn_type_id 
_struct_conn.pdbx_leaving_atom_flag 
_struct_conn.pdbx_PDB_id 
_struct_conn.ptnr1_label_asym_id 
_struct_conn.ptnr1_label_comp_id 
_struct_conn.ptnr1_label_seq_id 
_struct_conn.ptnr1_label_atom_id 
_struct_conn.pdbx_ptnr1_label_alt_id 
_struct_conn.pdbx_ptnr1_PDB_ins_code 
_struct_conn.pdbx_ptnr1_standard_comp_id 
_struct_conn.ptnr1_symmetry 
_struct_conn.ptnr2_label_asym_id 
_struct_conn.ptnr2_label_comp_id 
_struct_conn.ptnr2_label_seq_id 
_struct_conn.ptnr2_label_atom_id 
_struct_conn.pdbx_ptnr2_label_alt_id 
_struct_conn.pdbx_ptnr2_PDB_ins_code 
_struct_conn.ptnr1_auth_asym_id 
_struct_conn.ptnr1_auth_comp_id 
_struct_conn.ptnr1_auth_seq_id 
_struct_conn.ptnr2_auth_asym_id 
_struct_conn.ptnr2_auth_comp_id 
_struct_conn.ptnr2_auth_seq_id 
_struct_conn.ptnr2_symmetry 
_struct_conn.pdbx_ptnr3_label_atom_id 
_struct_conn.pdbx_ptnr3_label_seq_id 
_struct_conn.pdbx_ptnr3_label_comp_id 
_struct_conn.pdbx_ptnr3_label_asym_id 
_struct_conn.pdbx_ptnr3_label_alt_id 
_struct_conn.pdbx_ptnr3_PDB_ins_code 
_struct_conn.details 
_struct_conn.pdbx_dist_value 
_struct_conn.pdbx_value_order 
_struct_conn.pdbx_role 
hydrog1  hydrog ? ? A DC 1 N3 ? ? ? 1_555 A DG 6 N1 ? ? A DC 1001 A DG 1006 4_655 ? ? ? ? ? ? WATSON-CRICK ? ? ? 
hydrog2  hydrog ? ? A DC 1 N4 ? ? ? 1_555 A DG 6 O6 ? ? A DC 1001 A DG 1006 4_655 ? ? ? ? ? ? WATSON-CRICK ? ? ? 
hydrog3  hydrog ? ? A DC 1 O2 ? ? ? 1_555 A DG 6 N2 ? ? A DC 1001 A DG 1006 4_655 ? ? ? ? ? ? WATSON-CRICK ? ? ? 
hydrog4  hydrog ? ? A DG 2 N1 ? ? ? 1_555 A DC 5 N3 ? ? A DG 1002 A DC 1005 4_655 ? ? ? ? ? ? WATSON-CRICK ? ? ? 
hydrog5  hydrog ? ? A DG 2 N2 ? ? ? 1_555 A DC 5 O2 ? ? A DG 1002 A DC 1005 4_655 ? ? ? ? ? ? WATSON-CRICK ? ? ? 
hydrog6  hydrog ? ? A DG 2 O6 ? ? ? 1_555 A DC 5 N4 ? ? A DG 1002 A DC 1005 4_655 ? ? ? ? ? ? WATSON-CRICK ? ? ? 
hydrog7  hydrog ? ? A DT 3 N3 A ? ? 1_555 A DA 4 N1 ? ? A DT 1003 A DA 1004 4_655 ? ? ? ? ? ? WATSON-CRICK ? ? ? 
hydrog8  hydrog ? ? A DT 3 O4 A ? ? 1_555 A DA 4 N6 ? ? A DT 1003 A DA 1004 4_655 ? ? ? ? ? ? WATSON-CRICK ? ? ? 
hydrog9  hydrog ? ? A DA 4 N1 ? ? ? 1_555 A DT 3 N3 A ? A DA 1004 A DT 1003 4_655 ? ? ? ? ? ? WATSON-CRICK ? ? ? 
hydrog10 hydrog ? ? A DA 4 N6 ? ? ? 1_555 A DT 3 O4 A ? A DA 1004 A DT 1003 4_655 ? ? ? ? ? ? WATSON-CRICK ? ? ? 
hydrog11 hydrog ? ? A DC 5 N3 ? ? ? 1_555 A DG 2 N1 ? ? A DC 1005 A DG 1002 4_655 ? ? ? ? ? ? WATSON-CRICK ? ? ? 
hydrog12 hydrog ? ? A DC 5 N4 ? ? ? 1_555 A DG 2 O6 ? ? A DC 1005 A DG 1002 4_655 ? ? ? ? ? ? WATSON-CRICK ? ? ? 
hydrog13 hydrog ? ? A DC 5 O2 ? ? ? 1_555 A DG 2 N2 ? ? A DC 1005 A DG 1002 4_655 ? ? ? ? ? ? WATSON-CRICK ? ? ? 
hydrog14 hydrog ? ? A DG 6 N1 ? ? ? 1_555 A DC 1 N3 ? ? A DG 1006 A DC 1001 4_655 ? ? ? ? ? ? WATSON-CRICK ? ? ? 
hydrog15 hydrog ? ? A DG 6 N2 ? ? ? 1_555 A DC 1 O2 ? ? A DG 1006 A DC 1001 4_655 ? ? ? ? ? ? WATSON-CRICK ? ? ? 
hydrog16 hydrog ? ? A DG 6 O6 ? ? ? 1_555 A DC 1 N4 ? ? A DG 1006 A DC 1001 4_655 ? ? ? ? ? ? WATSON-CRICK ? ? ? 
# 
_struct_conn_type.id          hydrog 
_struct_conn_type.criteria    ? 
_struct_conn_type.reference   ? 
# 
loop_
_struct_site.id 
_struct_site.pdbx_evidence_code 
_struct_site.pdbx_auth_asym_id 
_struct_site.pdbx_auth_comp_id 
_struct_site.pdbx_auth_seq_id 
_struct_site.pdbx_auth_ins_code 
_struct_site.pdbx_num_residues 
_struct_site.details 
AC1 Software A DAX 2000 ? 7  'BINDING SITE FOR RESIDUE DAX A 2000' 
AC2 Software A DAX 3000 ? 13 'BINDING SITE FOR RESIDUE DAX A 3000' 
AC3 Software A SPM 4000 ? 5  'BINDING SITE FOR RESIDUE SPM A 4000' 
1   ?        ? ?   ?    ? ?  ?                                     
# 
loop_
_struct_site_gen.id 
_struct_site_gen.site_id 
_struct_site_gen.pdbx_num_res 
_struct_site_gen.label_comp_id 
_struct_site_gen.label_asym_id 
_struct_site_gen.label_seq_id 
_struct_site_gen.pdbx_auth_ins_code 
_struct_site_gen.auth_comp_id 
_struct_site_gen.auth_asym_id 
_struct_site_gen.auth_seq_id 
_struct_site_gen.label_atom_id 
_struct_site_gen.label_alt_id 
_struct_site_gen.symmetry 
_struct_site_gen.details 
1  AC1 7  DC  A 1 ? DC  A 1001 . ? 1_445 ? 
2  AC1 7  DC  A 1 ? DC  A 1001 . ? 4_655 ? 
3  AC1 7  DG  A 6 ? DG  A 1006 . ? 4_545 ? 
4  AC1 7  DG  A 6 ? DG  A 1006 . ? 1_555 ? 
5  AC1 7  HOH E . ? HOH A 5022 . ? 4_545 ? 
6  AC1 7  HOH E . ? HOH A 5022 . ? 1_555 ? 
7  AC1 7  HOH E . ? HOH A 5024 . ? 1_555 ? 
8  AC2 13 DC  A 1 ? DC  A 1001 . ? 4_655 ? 
9  AC2 13 DG  A 2 ? DG  A 1002 . ? 4_655 ? 
10 AC2 13 DG  A 2 ? DG  A 1002 . ? 6_544 ? 
11 AC2 13 DA  A 4 ? DA  A 1004 . ? 5_555 ? 
12 AC2 13 DC  A 5 ? DC  A 1005 . ? 1_555 ? 
13 AC2 13 DG  A 6 ? DG  A 1006 . ? 1_555 ? 
14 AC2 13 SPM D . ? SPM A 4000 . ? 4_655 ? 
15 AC2 13 HOH E . ? HOH A 5012 . ? 5_555 ? 
16 AC2 13 HOH E . ? HOH A 5018 . ? 6_544 ? 
17 AC2 13 HOH E . ? HOH A 5023 . ? 1_555 ? 
18 AC2 13 HOH E . ? HOH A 5024 . ? 4_545 ? 
19 AC2 13 HOH E . ? HOH A 5025 . ? 1_555 ? 
20 AC2 13 HOH E . ? HOH A 5042 . ? 1_555 ? 
21 AC3 5  DG  A 2 ? DG  A 1002 . ? 1_555 ? 
22 AC3 5  DT  A 3 ? DT  A 1003 . ? 1_555 ? 
23 AC3 5  DAX C . ? DAX A 3000 . ? 4_655 ? 
24 AC3 5  HOH E . ? HOH A 5015 . ? 1_555 ? 
25 AC3 5  HOH E . ? HOH A 5039 . ? 4_655 ? 
# 
_pdbx_validate_close_contact.id               1 
_pdbx_validate_close_contact.PDB_model_num    1 
_pdbx_validate_close_contact.auth_atom_id_1   HD82 
_pdbx_validate_close_contact.auth_asym_id_1   A 
_pdbx_validate_close_contact.auth_comp_id_1   DAX 
_pdbx_validate_close_contact.auth_seq_id_1    3000 
_pdbx_validate_close_contact.PDB_ins_code_1   ? 
_pdbx_validate_close_contact.label_alt_id_1   D 
_pdbx_validate_close_contact.auth_atom_id_2   O 
_pdbx_validate_close_contact.auth_asym_id_2   A 
_pdbx_validate_close_contact.auth_comp_id_2   HOH 
_pdbx_validate_close_contact.auth_seq_id_2    5023 
_pdbx_validate_close_contact.PDB_ins_code_2   ? 
_pdbx_validate_close_contact.label_alt_id_2   ? 
_pdbx_validate_close_contact.dist             1.51 
# 
loop_
_pdbx_validate_symm_contact.id 
_pdbx_validate_symm_contact.PDB_model_num 
_pdbx_validate_symm_contact.auth_atom_id_1 
_pdbx_validate_symm_contact.auth_asym_id_1 
_pdbx_validate_symm_contact.auth_comp_id_1 
_pdbx_validate_symm_contact.auth_seq_id_1 
_pdbx_validate_symm_contact.PDB_ins_code_1 
_pdbx_validate_symm_contact.label_alt_id_1 
_pdbx_validate_symm_contact.site_symmetry_1 
_pdbx_validate_symm_contact.auth_atom_id_2 
_pdbx_validate_symm_contact.auth_asym_id_2 
_pdbx_validate_symm_contact.auth_comp_id_2 
_pdbx_validate_symm_contact.auth_seq_id_2 
_pdbx_validate_symm_contact.PDB_ins_code_2 
_pdbx_validate_symm_contact.label_alt_id_2 
_pdbx_validate_symm_contact.site_symmetry_2 
_pdbx_validate_symm_contact.dist 
1 1 HD73 A DAX 3000 ? D 1_555 H32  A SPM 4000 ? ? 4_655 1.23 
2 1 N7   A DG  1002 ? ? 1_555 HD83 A DAX 3000 ? D 4_655 1.55 
3 1 C7   A SPM 4000 ? ? 1_555 C7   A SPM 4000 ? ? 4_655 1.59 
# 
loop_
_pdbx_validate_rmsd_bond.id 
_pdbx_validate_rmsd_bond.PDB_model_num 
_pdbx_validate_rmsd_bond.auth_atom_id_1 
_pdbx_validate_rmsd_bond.auth_asym_id_1 
_pdbx_validate_rmsd_bond.auth_comp_id_1 
_pdbx_validate_rmsd_bond.auth_seq_id_1 
_pdbx_validate_rmsd_bond.PDB_ins_code_1 
_pdbx_validate_rmsd_bond.label_alt_id_1 
_pdbx_validate_rmsd_bond.auth_atom_id_2 
_pdbx_validate_rmsd_bond.auth_asym_id_2 
_pdbx_validate_rmsd_bond.auth_comp_id_2 
_pdbx_validate_rmsd_bond.auth_seq_id_2 
_pdbx_validate_rmsd_bond.PDB_ins_code_2 
_pdbx_validate_rmsd_bond.label_alt_id_2 
_pdbx_validate_rmsd_bond.bond_value 
_pdbx_validate_rmsd_bond.bond_target_value 
_pdbx_validate_rmsd_bond.bond_deviation 
_pdbx_validate_rmsd_bond.bond_standard_deviation 
_pdbx_validate_rmsd_bond.linker_flag 
1  1 "O4'" A DC 1001 ? ? "C1'" A DC 1001 ? ? 1.488 1.420 0.068  0.011 N 
2  1 N1    A DC 1001 ? ? C6    A DC 1001 ? ? 1.305 1.367 -0.062 0.006 N 
3  1 "O4'" A DG 1002 ? ? "C1'" A DG 1002 ? ? 1.501 1.420 0.081  0.011 N 
4  1 "C5'" A DT 1003 ? ? "C4'" A DT 1003 ? A 1.603 1.512 0.091  0.007 N 
5  1 "C5'" A DT 1003 ? ? "C4'" A DT 1003 ? B 1.439 1.509 -0.070 0.011 N 
6  1 "C3'" A DT 1003 ? B "C2'" A DT 1003 ? B 1.464 1.516 -0.052 0.008 N 
7  1 "C1'" A DT 1003 ? B N1    A DT 1003 ? B 1.332 1.468 -0.136 0.014 N 
8  1 "C5'" A DA 1004 ? A "C4'" A DA 1004 ? ? 1.577 1.512 0.065  0.007 N 
9  1 "O4'" A DA 1004 ? ? "C1'" A DA 1004 ? ? 1.525 1.420 0.105  0.011 N 
10 1 "O4'" A DA 1004 ? ? "C4'" A DA 1004 ? ? 1.378 1.446 -0.068 0.010 N 
11 1 "O3'" A DA 1004 ? ? "C3'" A DA 1004 ? ? 1.367 1.419 -0.052 0.006 N 
12 1 "C1'" A DA 1004 ? ? N9    A DA 1004 ? ? 1.379 1.468 -0.089 0.014 N 
13 1 C6    A DA 1004 ? ? N1    A DA 1004 ? ? 1.393 1.351 0.042  0.007 N 
14 1 N7    A DA 1004 ? ? C8    A DA 1004 ? ? 1.265 1.311 -0.046 0.007 N 
15 1 "C4'" A DC 1005 ? ? "C3'" A DC 1005 ? ? 1.590 1.529 0.061  0.010 N 
16 1 "C3'" A DC 1005 ? ? "C2'" A DC 1005 ? ? 1.455 1.516 -0.061 0.008 N 
17 1 P     A DG 1006 ? ? "O5'" A DG 1006 ? ? 1.511 1.593 -0.082 0.010 N 
# 
loop_
_pdbx_validate_rmsd_angle.id 
_pdbx_validate_rmsd_angle.PDB_model_num 
_pdbx_validate_rmsd_angle.auth_atom_id_1 
_pdbx_validate_rmsd_angle.auth_asym_id_1 
_pdbx_validate_rmsd_angle.auth_comp_id_1 
_pdbx_validate_rmsd_angle.auth_seq_id_1 
_pdbx_validate_rmsd_angle.PDB_ins_code_1 
_pdbx_validate_rmsd_angle.label_alt_id_1 
_pdbx_validate_rmsd_angle.auth_atom_id_2 
_pdbx_validate_rmsd_angle.auth_asym_id_2 
_pdbx_validate_rmsd_angle.auth_comp_id_2 
_pdbx_validate_rmsd_angle.auth_seq_id_2 
_pdbx_validate_rmsd_angle.PDB_ins_code_2 
_pdbx_validate_rmsd_angle.label_alt_id_2 
_pdbx_validate_rmsd_angle.auth_atom_id_3 
_pdbx_validate_rmsd_angle.auth_asym_id_3 
_pdbx_validate_rmsd_angle.auth_comp_id_3 
_pdbx_validate_rmsd_angle.auth_seq_id_3 
_pdbx_validate_rmsd_angle.PDB_ins_code_3 
_pdbx_validate_rmsd_angle.label_alt_id_3 
_pdbx_validate_rmsd_angle.angle_value 
_pdbx_validate_rmsd_angle.angle_target_value 
_pdbx_validate_rmsd_angle.angle_deviation 
_pdbx_validate_rmsd_angle.angle_standard_deviation 
_pdbx_validate_rmsd_angle.linker_flag 
1  1 N1    A DC 1001 ? ? "C1'" A DC 1001 ? ? "C2'" A DC 1001 ? ? 123.32 114.30 9.02   1.40 N 
2  1 C5    A DC 1001 ? ? C6    A DC 1001 ? ? N1    A DC 1001 ? ? 124.58 121.00 3.58   0.50 N 
3  1 "O4'" A DG 1002 ? ? "C1'" A DG 1002 ? ? N9    A DG 1002 ? ? 99.10  108.00 -8.90  0.70 N 
4  1 N3    A DG 1002 ? ? C4    A DG 1002 ? ? N9    A DG 1002 ? ? 130.10 126.00 4.10   0.60 N 
5  1 "O5'" A DT 1003 ? ? "C5'" A DT 1003 ? ? "C4'" A DT 1003 ? A 103.16 109.40 -6.24  0.80 N 
6  1 "C5'" A DT 1003 ? ? "C4'" A DT 1003 ? B "O4'" A DT 1003 ? B 119.74 109.80 9.94   1.10 N 
7  1 "C1'" A DT 1003 ? B "O4'" A DT 1003 ? B "C4'" A DT 1003 ? B 100.15 110.10 -9.95  1.00 N 
8  1 "C2'" A DT 1003 ? B "C3'" A DT 1003 ? B "O3'" A DT 1003 ? B 139.90 112.60 27.30  3.30 N 
9  1 N1    A DT 1003 ? A "C1'" A DT 1003 ? A "C2'" A DT 1003 ? A 125.49 114.30 11.19  1.40 N 
10 1 N1    A DT 1003 ? B "C1'" A DT 1003 ? B "C2'" A DT 1003 ? B 136.65 114.30 22.35  1.40 N 
11 1 "O4'" A DT 1003 ? B "C1'" A DT 1003 ? B N1    A DT 1003 ? B 115.13 108.30 6.83   0.30 N 
12 1 N1    A DT 1003 ? B C2    A DT 1003 ? B O2    A DT 1003 ? B 118.11 123.10 -4.99  0.80 N 
13 1 N3    A DT 1003 ? A C2    A DT 1003 ? A O2    A DT 1003 ? A 129.39 122.30 7.09   0.60 N 
14 1 N3    A DT 1003 ? B C2    A DT 1003 ? B O2    A DT 1003 ? B 129.30 122.30 7.00   0.60 N 
15 1 N3    A DT 1003 ? A C4    A DT 1003 ? A O4    A DT 1003 ? A 115.49 119.90 -4.41  0.60 N 
16 1 C6    A DT 1003 ? A C5    A DT 1003 ? A C7    A DT 1003 ? A 127.16 122.90 4.26   0.60 N 
17 1 C6    A DT 1003 ? B N1    A DT 1003 ? B "C1'" A DT 1003 ? B 101.69 120.40 -18.71 1.50 N 
18 1 C2    A DT 1003 ? B N1    A DT 1003 ? B "C1'" A DT 1003 ? B 133.14 118.20 14.94  1.60 N 
19 1 "C3'" A DT 1003 ? B "O3'" A DT 1003 ? B P     A DA 1004 ? B 129.43 119.70 9.73   1.20 Y 
20 1 P     A DA 1004 ? B "O5'" A DA 1004 ? B "C5'" A DA 1004 ? B 111.14 120.90 -9.76  1.60 N 
21 1 "C5'" A DA 1004 ? B "C4'" A DA 1004 ? ? "O4'" A DA 1004 ? ? 116.62 109.80 6.82   1.10 N 
22 1 "O4'" A DA 1004 ? ? "C1'" A DA 1004 ? ? N9    A DA 1004 ? ? 101.76 108.00 -6.24  0.70 N 
23 1 C4    A DA 1004 ? ? C5    A DA 1004 ? ? C6    A DA 1004 ? ? 121.21 117.00 4.21   0.50 N 
24 1 C5    A DA 1004 ? ? C6    A DA 1004 ? ? N1    A DA 1004 ? ? 111.64 117.70 -6.06  0.50 N 
25 1 C5    A DA 1004 ? ? C6    A DA 1004 ? ? N6    A DA 1004 ? ? 128.82 123.70 5.12   0.80 N 
26 1 "C3'" A DA 1004 ? ? "O3'" A DA 1004 ? ? P     A DC 1005 ? ? 127.45 119.70 7.75   1.20 Y 
27 1 "O4'" A DC 1005 ? ? "C1'" A DC 1005 ? ? N1    A DC 1005 ? ? 110.13 108.30 1.83   0.30 N 
28 1 P     A DG 1006 ? ? "O5'" A DG 1006 ? ? "C5'" A DG 1006 ? ? 140.78 120.90 19.88  1.60 N 
29 1 "O4'" A DG 1006 ? ? "C1'" A DG 1006 ? ? N9    A DG 1006 ? ? 99.71  108.00 -8.29  0.70 N 
# 
_pdbx_validate_chiral.id              1 
_pdbx_validate_chiral.PDB_model_num   1 
_pdbx_validate_chiral.auth_atom_id    "C1'" 
_pdbx_validate_chiral.label_alt_id    B 
_pdbx_validate_chiral.auth_asym_id    A 
_pdbx_validate_chiral.auth_comp_id    DT 
_pdbx_validate_chiral.auth_seq_id     1003 
_pdbx_validate_chiral.PDB_ins_code    ? 
_pdbx_validate_chiral.details         PLANAR 
_pdbx_validate_chiral.omega           . 
# 
_pdbx_validate_planes.id              1 
_pdbx_validate_planes.PDB_model_num   1 
_pdbx_validate_planes.auth_comp_id    DT 
_pdbx_validate_planes.auth_asym_id    A 
_pdbx_validate_planes.auth_seq_id     1003 
_pdbx_validate_planes.PDB_ins_code    ? 
_pdbx_validate_planes.label_alt_id    ? 
_pdbx_validate_planes.rmsd            0.086 
_pdbx_validate_planes.type            'SIDE CHAIN' 
# 
_struct_site_keywords.site_id   1 
_struct_site_keywords.text      INTERCALATION 
# 
loop_
_chem_comp_atom.comp_id 
_chem_comp_atom.atom_id 
_chem_comp_atom.type_symbol 
_chem_comp_atom.pdbx_aromatic_flag 
_chem_comp_atom.pdbx_stereo_config 
_chem_comp_atom.pdbx_ordinal 
DA  OP3    O  N N 1   
DA  P      P  N N 2   
DA  OP1    O  N N 3   
DA  OP2    O  N N 4   
DA  "O5'"  O  N N 5   
DA  "C5'"  C  N N 6   
DA  "C4'"  C  N R 7   
DA  "O4'"  O  N N 8   
DA  "C3'"  C  N S 9   
DA  "O3'"  O  N N 10  
DA  "C2'"  C  N N 11  
DA  "C1'"  C  N R 12  
DA  N9     N  Y N 13  
DA  C8     C  Y N 14  
DA  N7     N  Y N 15  
DA  C5     C  Y N 16  
DA  C6     C  Y N 17  
DA  N6     N  N N 18  
DA  N1     N  Y N 19  
DA  C2     C  Y N 20  
DA  N3     N  Y N 21  
DA  C4     C  Y N 22  
DA  HOP3   H  N N 23  
DA  HOP2   H  N N 24  
DA  "H5'"  H  N N 25  
DA  "H5''" H  N N 26  
DA  "H4'"  H  N N 27  
DA  "H3'"  H  N N 28  
DA  "HO3'" H  N N 29  
DA  "H2'"  H  N N 30  
DA  "H2''" H  N N 31  
DA  "H1'"  H  N N 32  
DA  H8     H  N N 33  
DA  H61    H  N N 34  
DA  H62    H  N N 35  
DA  H2     H  N N 36  
DAX C1     C  Y N 37  
DAX C2     C  Y N 38  
DAX C3     C  Y N 39  
DAX C4     C  Y N 40  
DAX C5     C  Y N 41  
DAX C6     C  Y N 42  
DAX C7     C  Y N 43  
DAX C8     C  Y N 44  
DAX C9     C  Y N 45  
DAX N9     N  N N 46  
DAX N10    N  Y N 47  
DAX C11    C  Y N 48  
DAX C12    C  Y N 49  
DAX C13    C  Y N 50  
DAX C14    C  Y N 51  
DAX CD1    C  N N 52  
DAX OD1    O  N N 53  
DAX ND1    N  N N 54  
DAX BR     BR N N 55  
DAX CD2    C  N N 56  
DAX CD3    C  N N 57  
DAX ND2    N  N N 58  
DAX CD7    C  N N 59  
DAX CD8    C  N N 60  
DAX H1     H  N N 61  
DAX H2     H  N N 62  
DAX H3     H  N N 63  
DAX H6     H  N N 64  
DAX H7     H  N N 65  
DAX H8     H  N N 66  
DAX H91    H  N N 67  
DAX H92    H  N N 68  
DAX H10    H  N N 69  
DAX HD1    H  N N 70  
DAX HD21   H  N N 71  
DAX HD22   H  N N 72  
DAX HD31   H  N N 73  
DAX HD32   H  N N 74  
DAX HD2    H  N N 75  
DAX HD71   H  N N 76  
DAX HD72   H  N N 77  
DAX HD73   H  N N 78  
DAX HD81   H  N N 79  
DAX HD82   H  N N 80  
DAX HD83   H  N N 81  
DC  OP3    O  N N 82  
DC  P      P  N N 83  
DC  OP1    O  N N 84  
DC  OP2    O  N N 85  
DC  "O5'"  O  N N 86  
DC  "C5'"  C  N N 87  
DC  "C4'"  C  N R 88  
DC  "O4'"  O  N N 89  
DC  "C3'"  C  N S 90  
DC  "O3'"  O  N N 91  
DC  "C2'"  C  N N 92  
DC  "C1'"  C  N R 93  
DC  N1     N  N N 94  
DC  C2     C  N N 95  
DC  O2     O  N N 96  
DC  N3     N  N N 97  
DC  C4     C  N N 98  
DC  N4     N  N N 99  
DC  C5     C  N N 100 
DC  C6     C  N N 101 
DC  HOP3   H  N N 102 
DC  HOP2   H  N N 103 
DC  "H5'"  H  N N 104 
DC  "H5''" H  N N 105 
DC  "H4'"  H  N N 106 
DC  "H3'"  H  N N 107 
DC  "HO3'" H  N N 108 
DC  "H2'"  H  N N 109 
DC  "H2''" H  N N 110 
DC  "H1'"  H  N N 111 
DC  H41    H  N N 112 
DC  H42    H  N N 113 
DC  H5     H  N N 114 
DC  H6     H  N N 115 
DG  OP3    O  N N 116 
DG  P      P  N N 117 
DG  OP1    O  N N 118 
DG  OP2    O  N N 119 
DG  "O5'"  O  N N 120 
DG  "C5'"  C  N N 121 
DG  "C4'"  C  N R 122 
DG  "O4'"  O  N N 123 
DG  "C3'"  C  N S 124 
DG  "O3'"  O  N N 125 
DG  "C2'"  C  N N 126 
DG  "C1'"  C  N R 127 
DG  N9     N  Y N 128 
DG  C8     C  Y N 129 
DG  N7     N  Y N 130 
DG  C5     C  Y N 131 
DG  C6     C  N N 132 
DG  O6     O  N N 133 
DG  N1     N  N N 134 
DG  C2     C  N N 135 
DG  N2     N  N N 136 
DG  N3     N  N N 137 
DG  C4     C  Y N 138 
DG  HOP3   H  N N 139 
DG  HOP2   H  N N 140 
DG  "H5'"  H  N N 141 
DG  "H5''" H  N N 142 
DG  "H4'"  H  N N 143 
DG  "H3'"  H  N N 144 
DG  "HO3'" H  N N 145 
DG  "H2'"  H  N N 146 
DG  "H2''" H  N N 147 
DG  "H1'"  H  N N 148 
DG  H8     H  N N 149 
DG  H1     H  N N 150 
DG  H21    H  N N 151 
DG  H22    H  N N 152 
DT  OP3    O  N N 153 
DT  P      P  N N 154 
DT  OP1    O  N N 155 
DT  OP2    O  N N 156 
DT  "O5'"  O  N N 157 
DT  "C5'"  C  N N 158 
DT  "C4'"  C  N R 159 
DT  "O4'"  O  N N 160 
DT  "C3'"  C  N S 161 
DT  "O3'"  O  N N 162 
DT  "C2'"  C  N N 163 
DT  "C1'"  C  N R 164 
DT  N1     N  N N 165 
DT  C2     C  N N 166 
DT  O2     O  N N 167 
DT  N3     N  N N 168 
DT  C4     C  N N 169 
DT  O4     O  N N 170 
DT  C5     C  N N 171 
DT  C7     C  N N 172 
DT  C6     C  N N 173 
DT  HOP3   H  N N 174 
DT  HOP2   H  N N 175 
DT  "H5'"  H  N N 176 
DT  "H5''" H  N N 177 
DT  "H4'"  H  N N 178 
DT  "H3'"  H  N N 179 
DT  "HO3'" H  N N 180 
DT  "H2'"  H  N N 181 
DT  "H2''" H  N N 182 
DT  "H1'"  H  N N 183 
DT  H3     H  N N 184 
DT  H71    H  N N 185 
DT  H72    H  N N 186 
DT  H73    H  N N 187 
DT  H6     H  N N 188 
HOH O      O  N N 189 
HOH H1     H  N N 190 
HOH H2     H  N N 191 
SPM N1     N  N N 192 
SPM C2     C  N N 193 
SPM C3     C  N N 194 
SPM C4     C  N N 195 
SPM N5     N  N N 196 
SPM C6     C  N N 197 
SPM C7     C  N N 198 
SPM C8     C  N N 199 
SPM C9     C  N N 200 
SPM N10    N  N N 201 
SPM C11    C  N N 202 
SPM C12    C  N N 203 
SPM C13    C  N N 204 
SPM N14    N  N N 205 
SPM HN11   H  N N 206 
SPM HN12   H  N N 207 
SPM H21    H  N N 208 
SPM H22    H  N N 209 
SPM H31    H  N N 210 
SPM H32    H  N N 211 
SPM H41    H  N N 212 
SPM H42    H  N N 213 
SPM HN5    H  N N 214 
SPM H61    H  N N 215 
SPM H62    H  N N 216 
SPM H71    H  N N 217 
SPM H72    H  N N 218 
SPM H81    H  N N 219 
SPM H82    H  N N 220 
SPM H91    H  N N 221 
SPM H92    H  N N 222 
SPM HN0    H  N N 223 
SPM H111   H  N N 224 
SPM H112   H  N N 225 
SPM H121   H  N N 226 
SPM H122   H  N N 227 
SPM H131   H  N N 228 
SPM H132   H  N N 229 
SPM HN41   H  N N 230 
SPM HN42   H  N N 231 
# 
loop_
_chem_comp_bond.comp_id 
_chem_comp_bond.atom_id_1 
_chem_comp_bond.atom_id_2 
_chem_comp_bond.value_order 
_chem_comp_bond.pdbx_aromatic_flag 
_chem_comp_bond.pdbx_stereo_config 
_chem_comp_bond.pdbx_ordinal 
DA  OP3   P      sing N N 1   
DA  OP3   HOP3   sing N N 2   
DA  P     OP1    doub N N 3   
DA  P     OP2    sing N N 4   
DA  P     "O5'"  sing N N 5   
DA  OP2   HOP2   sing N N 6   
DA  "O5'" "C5'"  sing N N 7   
DA  "C5'" "C4'"  sing N N 8   
DA  "C5'" "H5'"  sing N N 9   
DA  "C5'" "H5''" sing N N 10  
DA  "C4'" "O4'"  sing N N 11  
DA  "C4'" "C3'"  sing N N 12  
DA  "C4'" "H4'"  sing N N 13  
DA  "O4'" "C1'"  sing N N 14  
DA  "C3'" "O3'"  sing N N 15  
DA  "C3'" "C2'"  sing N N 16  
DA  "C3'" "H3'"  sing N N 17  
DA  "O3'" "HO3'" sing N N 18  
DA  "C2'" "C1'"  sing N N 19  
DA  "C2'" "H2'"  sing N N 20  
DA  "C2'" "H2''" sing N N 21  
DA  "C1'" N9     sing N N 22  
DA  "C1'" "H1'"  sing N N 23  
DA  N9    C8     sing Y N 24  
DA  N9    C4     sing Y N 25  
DA  C8    N7     doub Y N 26  
DA  C8    H8     sing N N 27  
DA  N7    C5     sing Y N 28  
DA  C5    C6     sing Y N 29  
DA  C5    C4     doub Y N 30  
DA  C6    N6     sing N N 31  
DA  C6    N1     doub Y N 32  
DA  N6    H61    sing N N 33  
DA  N6    H62    sing N N 34  
DA  N1    C2     sing Y N 35  
DA  C2    N3     doub Y N 36  
DA  C2    H2     sing N N 37  
DA  N3    C4     sing Y N 38  
DAX C1    C2     doub Y N 39  
DAX C1    C11    sing Y N 40  
DAX C1    H1     sing N N 41  
DAX C2    C3     sing Y N 42  
DAX C2    H2     sing N N 43  
DAX C3    C4     doub Y N 44  
DAX C3    H3     sing N N 45  
DAX C4    C12    sing Y N 46  
DAX C4    CD1    sing N N 47  
DAX C5    C6     doub Y N 48  
DAX C5    C14    sing Y N 49  
DAX C5    BR     sing N N 50  
DAX C6    C7     sing Y N 51  
DAX C6    H6     sing N N 52  
DAX C7    C8     doub Y N 53  
DAX C7    H7     sing N N 54  
DAX C8    C13    sing Y N 55  
DAX C8    H8     sing N N 56  
DAX C9    N9     sing N N 57  
DAX C9    C11    sing Y N 58  
DAX C9    C13    doub Y N 59  
DAX N9    H91    sing N N 60  
DAX N9    H92    sing N N 61  
DAX N10   C12    sing Y N 62  
DAX N10   C14    doub Y N 63  
DAX N10   H10    sing N N 64  
DAX C11   C12    doub Y N 65  
DAX C13   C14    sing Y N 66  
DAX CD1   OD1    doub N N 67  
DAX CD1   ND1    sing N N 68  
DAX ND1   CD2    sing N N 69  
DAX ND1   HD1    sing N N 70  
DAX CD2   CD3    sing N N 71  
DAX CD2   HD21   sing N N 72  
DAX CD2   HD22   sing N N 73  
DAX CD3   ND2    sing N N 74  
DAX CD3   HD31   sing N N 75  
DAX CD3   HD32   sing N N 76  
DAX ND2   CD7    sing N N 77  
DAX ND2   CD8    sing N N 78  
DAX ND2   HD2    sing N N 79  
DAX CD7   HD71   sing N N 80  
DAX CD7   HD72   sing N N 81  
DAX CD7   HD73   sing N N 82  
DAX CD8   HD81   sing N N 83  
DAX CD8   HD82   sing N N 84  
DAX CD8   HD83   sing N N 85  
DC  OP3   P      sing N N 86  
DC  OP3   HOP3   sing N N 87  
DC  P     OP1    doub N N 88  
DC  P     OP2    sing N N 89  
DC  P     "O5'"  sing N N 90  
DC  OP2   HOP2   sing N N 91  
DC  "O5'" "C5'"  sing N N 92  
DC  "C5'" "C4'"  sing N N 93  
DC  "C5'" "H5'"  sing N N 94  
DC  "C5'" "H5''" sing N N 95  
DC  "C4'" "O4'"  sing N N 96  
DC  "C4'" "C3'"  sing N N 97  
DC  "C4'" "H4'"  sing N N 98  
DC  "O4'" "C1'"  sing N N 99  
DC  "C3'" "O3'"  sing N N 100 
DC  "C3'" "C2'"  sing N N 101 
DC  "C3'" "H3'"  sing N N 102 
DC  "O3'" "HO3'" sing N N 103 
DC  "C2'" "C1'"  sing N N 104 
DC  "C2'" "H2'"  sing N N 105 
DC  "C2'" "H2''" sing N N 106 
DC  "C1'" N1     sing N N 107 
DC  "C1'" "H1'"  sing N N 108 
DC  N1    C2     sing N N 109 
DC  N1    C6     sing N N 110 
DC  C2    O2     doub N N 111 
DC  C2    N3     sing N N 112 
DC  N3    C4     doub N N 113 
DC  C4    N4     sing N N 114 
DC  C4    C5     sing N N 115 
DC  N4    H41    sing N N 116 
DC  N4    H42    sing N N 117 
DC  C5    C6     doub N N 118 
DC  C5    H5     sing N N 119 
DC  C6    H6     sing N N 120 
DG  OP3   P      sing N N 121 
DG  OP3   HOP3   sing N N 122 
DG  P     OP1    doub N N 123 
DG  P     OP2    sing N N 124 
DG  P     "O5'"  sing N N 125 
DG  OP2   HOP2   sing N N 126 
DG  "O5'" "C5'"  sing N N 127 
DG  "C5'" "C4'"  sing N N 128 
DG  "C5'" "H5'"  sing N N 129 
DG  "C5'" "H5''" sing N N 130 
DG  "C4'" "O4'"  sing N N 131 
DG  "C4'" "C3'"  sing N N 132 
DG  "C4'" "H4'"  sing N N 133 
DG  "O4'" "C1'"  sing N N 134 
DG  "C3'" "O3'"  sing N N 135 
DG  "C3'" "C2'"  sing N N 136 
DG  "C3'" "H3'"  sing N N 137 
DG  "O3'" "HO3'" sing N N 138 
DG  "C2'" "C1'"  sing N N 139 
DG  "C2'" "H2'"  sing N N 140 
DG  "C2'" "H2''" sing N N 141 
DG  "C1'" N9     sing N N 142 
DG  "C1'" "H1'"  sing N N 143 
DG  N9    C8     sing Y N 144 
DG  N9    C4     sing Y N 145 
DG  C8    N7     doub Y N 146 
DG  C8    H8     sing N N 147 
DG  N7    C5     sing Y N 148 
DG  C5    C6     sing N N 149 
DG  C5    C4     doub Y N 150 
DG  C6    O6     doub N N 151 
DG  C6    N1     sing N N 152 
DG  N1    C2     sing N N 153 
DG  N1    H1     sing N N 154 
DG  C2    N2     sing N N 155 
DG  C2    N3     doub N N 156 
DG  N2    H21    sing N N 157 
DG  N2    H22    sing N N 158 
DG  N3    C4     sing N N 159 
DT  OP3   P      sing N N 160 
DT  OP3   HOP3   sing N N 161 
DT  P     OP1    doub N N 162 
DT  P     OP2    sing N N 163 
DT  P     "O5'"  sing N N 164 
DT  OP2   HOP2   sing N N 165 
DT  "O5'" "C5'"  sing N N 166 
DT  "C5'" "C4'"  sing N N 167 
DT  "C5'" "H5'"  sing N N 168 
DT  "C5'" "H5''" sing N N 169 
DT  "C4'" "O4'"  sing N N 170 
DT  "C4'" "C3'"  sing N N 171 
DT  "C4'" "H4'"  sing N N 172 
DT  "O4'" "C1'"  sing N N 173 
DT  "C3'" "O3'"  sing N N 174 
DT  "C3'" "C2'"  sing N N 175 
DT  "C3'" "H3'"  sing N N 176 
DT  "O3'" "HO3'" sing N N 177 
DT  "C2'" "C1'"  sing N N 178 
DT  "C2'" "H2'"  sing N N 179 
DT  "C2'" "H2''" sing N N 180 
DT  "C1'" N1     sing N N 181 
DT  "C1'" "H1'"  sing N N 182 
DT  N1    C2     sing N N 183 
DT  N1    C6     sing N N 184 
DT  C2    O2     doub N N 185 
DT  C2    N3     sing N N 186 
DT  N3    C4     sing N N 187 
DT  N3    H3     sing N N 188 
DT  C4    O4     doub N N 189 
DT  C4    C5     sing N N 190 
DT  C5    C7     sing N N 191 
DT  C5    C6     doub N N 192 
DT  C7    H71    sing N N 193 
DT  C7    H72    sing N N 194 
DT  C7    H73    sing N N 195 
DT  C6    H6     sing N N 196 
HOH O     H1     sing N N 197 
HOH O     H2     sing N N 198 
SPM N1    C2     sing N N 199 
SPM N1    HN11   sing N N 200 
SPM N1    HN12   sing N N 201 
SPM C2    C3     sing N N 202 
SPM C2    H21    sing N N 203 
SPM C2    H22    sing N N 204 
SPM C3    C4     sing N N 205 
SPM C3    H31    sing N N 206 
SPM C3    H32    sing N N 207 
SPM C4    N5     sing N N 208 
SPM C4    H41    sing N N 209 
SPM C4    H42    sing N N 210 
SPM N5    C6     sing N N 211 
SPM N5    HN5    sing N N 212 
SPM C6    C7     sing N N 213 
SPM C6    H61    sing N N 214 
SPM C6    H62    sing N N 215 
SPM C7    C8     sing N N 216 
SPM C7    H71    sing N N 217 
SPM C7    H72    sing N N 218 
SPM C8    C9     sing N N 219 
SPM C8    H81    sing N N 220 
SPM C8    H82    sing N N 221 
SPM C9    N10    sing N N 222 
SPM C9    H91    sing N N 223 
SPM C9    H92    sing N N 224 
SPM N10   C11    sing N N 225 
SPM N10   HN0    sing N N 226 
SPM C11   C12    sing N N 227 
SPM C11   H111   sing N N 228 
SPM C11   H112   sing N N 229 
SPM C12   C13    sing N N 230 
SPM C12   H121   sing N N 231 
SPM C12   H122   sing N N 232 
SPM C13   N14    sing N N 233 
SPM C13   H131   sing N N 234 
SPM C13   H132   sing N N 235 
SPM N14   HN41   sing N N 236 
SPM N14   HN42   sing N N 237 
# 
_ndb_struct_conf_na.entry_id   1M69 
_ndb_struct_conf_na.feature    'b-form double helix' 
# 
loop_
_ndb_struct_na_base_pair.model_number 
_ndb_struct_na_base_pair.i_label_asym_id 
_ndb_struct_na_base_pair.i_label_comp_id 
_ndb_struct_na_base_pair.i_label_seq_id 
_ndb_struct_na_base_pair.i_symmetry 
_ndb_struct_na_base_pair.j_label_asym_id 
_ndb_struct_na_base_pair.j_label_comp_id 
_ndb_struct_na_base_pair.j_label_seq_id 
_ndb_struct_na_base_pair.j_symmetry 
_ndb_struct_na_base_pair.shear 
_ndb_struct_na_base_pair.stretch 
_ndb_struct_na_base_pair.stagger 
_ndb_struct_na_base_pair.buckle 
_ndb_struct_na_base_pair.propeller 
_ndb_struct_na_base_pair.opening 
_ndb_struct_na_base_pair.pair_number 
_ndb_struct_na_base_pair.pair_name 
_ndb_struct_na_base_pair.i_auth_asym_id 
_ndb_struct_na_base_pair.i_auth_seq_id 
_ndb_struct_na_base_pair.i_PDB_ins_code 
_ndb_struct_na_base_pair.j_auth_asym_id 
_ndb_struct_na_base_pair.j_auth_seq_id 
_ndb_struct_na_base_pair.j_PDB_ins_code 
_ndb_struct_na_base_pair.hbond_type_28 
_ndb_struct_na_base_pair.hbond_type_12 
1 A DC 1 1_555 A DG 6 4_655 0.174  -0.201 0.207 0.179  -9.448 -2.344 1 A_DC1001:DG1006_A A 1001 ? A 1006 ? 19 1 
1 A DG 2 1_555 A DC 5 4_655 -0.248 -0.185 0.023 -5.780 -1.850 -1.534 2 A_DG1002:DC1005_A A 1002 ? A 1005 ? 19 1 
1 A DT 3 1_555 A DA 4 4_655 0.002  -0.246 0.344 0.324  -8.702 -4.526 3 A_DT1003:DA1004_A A 1003 ? A 1004 ? 20 1 
1 A DA 4 1_555 A DT 3 4_655 -0.002 -0.246 0.344 -0.324 -8.702 -4.526 4 A_DA1004:DT1003_A A 1004 ? A 1003 ? 20 1 
1 A DC 5 1_555 A DG 2 4_655 0.248  -0.185 0.023 5.780  -1.850 -1.534 5 A_DC1005:DG1002_A A 1005 ? A 1002 ? 19 1 
1 A DG 6 1_555 A DC 1 4_655 -0.174 -0.201 0.207 -0.179 -9.448 -2.344 6 A_DG1006:DC1001_A A 1006 ? A 1001 ? 19 1 
# 
loop_
_ndb_struct_na_base_pair_step.model_number 
_ndb_struct_na_base_pair_step.i_label_asym_id_1 
_ndb_struct_na_base_pair_step.i_label_comp_id_1 
_ndb_struct_na_base_pair_step.i_label_seq_id_1 
_ndb_struct_na_base_pair_step.i_symmetry_1 
_ndb_struct_na_base_pair_step.j_label_asym_id_1 
_ndb_struct_na_base_pair_step.j_label_comp_id_1 
_ndb_struct_na_base_pair_step.j_label_seq_id_1 
_ndb_struct_na_base_pair_step.j_symmetry_1 
_ndb_struct_na_base_pair_step.i_label_asym_id_2 
_ndb_struct_na_base_pair_step.i_label_comp_id_2 
_ndb_struct_na_base_pair_step.i_label_seq_id_2 
_ndb_struct_na_base_pair_step.i_symmetry_2 
_ndb_struct_na_base_pair_step.j_label_asym_id_2 
_ndb_struct_na_base_pair_step.j_label_comp_id_2 
_ndb_struct_na_base_pair_step.j_label_seq_id_2 
_ndb_struct_na_base_pair_step.j_symmetry_2 
_ndb_struct_na_base_pair_step.shift 
_ndb_struct_na_base_pair_step.slide 
_ndb_struct_na_base_pair_step.rise 
_ndb_struct_na_base_pair_step.tilt 
_ndb_struct_na_base_pair_step.roll 
_ndb_struct_na_base_pair_step.twist 
_ndb_struct_na_base_pair_step.x_displacement 
_ndb_struct_na_base_pair_step.y_displacement 
_ndb_struct_na_base_pair_step.helical_rise 
_ndb_struct_na_base_pair_step.inclination 
_ndb_struct_na_base_pair_step.tip 
_ndb_struct_na_base_pair_step.helical_twist 
_ndb_struct_na_base_pair_step.step_number 
_ndb_struct_na_base_pair_step.step_name 
_ndb_struct_na_base_pair_step.i_auth_asym_id_1 
_ndb_struct_na_base_pair_step.i_auth_seq_id_1 
_ndb_struct_na_base_pair_step.i_PDB_ins_code_1 
_ndb_struct_na_base_pair_step.j_auth_asym_id_1 
_ndb_struct_na_base_pair_step.j_auth_seq_id_1 
_ndb_struct_na_base_pair_step.j_PDB_ins_code_1 
_ndb_struct_na_base_pair_step.i_auth_asym_id_2 
_ndb_struct_na_base_pair_step.i_auth_seq_id_2 
_ndb_struct_na_base_pair_step.i_PDB_ins_code_2 
_ndb_struct_na_base_pair_step.j_auth_asym_id_2 
_ndb_struct_na_base_pair_step.j_auth_seq_id_2 
_ndb_struct_na_base_pair_step.j_PDB_ins_code_2 
1 A DC 1 1_555 A DG 6 4_655 A DG 2 1_555 A DC 5 4_655 0.303  0.391  6.805 0.962  0.994  23.307 0.260  -0.065 6.822 2.458  -2.379 
23.347 1 AA_DC1001DG1002:DC1005DG1006_AA A 1001 ? A 1006 ? A 1002 ? A 1005 ? 
1 A DG 2 1_555 A DC 5 4_655 A DT 3 1_555 A DA 4 4_655 -0.595 -0.156 3.328 -1.596 2.064  28.254 -0.804 0.838  3.336 4.216  3.261  
28.372 2 AA_DG1002DT1003:DA1004DC1005_AA A 1002 ? A 1005 ? A 1003 ? A 1004 ? 
1 A DT 3 1_555 A DA 4 4_655 A DA 4 1_555 A DT 3 4_655 0.000  1.458  3.087 0.000  -4.639 49.187 2.064  0.000  2.947 -5.559 0.000  
49.392 3 AA_DT1003DA1004:DT1003DA1004_AA A 1003 ? A 1004 ? A 1004 ? A 1003 ? 
1 A DA 4 1_555 A DT 3 4_655 A DC 5 1_555 A DG 2 4_655 0.595  -0.156 3.328 1.596  2.064  28.254 -0.804 -0.838 3.336 4.216  -3.261 
28.372 4 AA_DA1004DC1005:DG1002DT1003_AA A 1004 ? A 1003 ? A 1005 ? A 1002 ? 
1 A DC 5 1_555 A DG 2 4_655 A DG 6 1_555 A DC 1 4_655 -0.303 0.391  6.805 -0.962 0.994  23.307 0.260  0.065  6.822 2.458  2.378  
23.347 5 AA_DC1005DG1006:DC1001DG1002_AA A 1005 ? A 1002 ? A 1006 ? A 1001 ? 
# 
_pdbx_initial_refinement_model.accession_code   366D 
_pdbx_initial_refinement_model.id               1 
_pdbx_initial_refinement_model.entity_id_list   ? 
_pdbx_initial_refinement_model.type             'experimental model' 
_pdbx_initial_refinement_model.source_name      PDB 
_pdbx_initial_refinement_model.details          'ddf073 structure, with corrected sequence' 
# 
_atom_sites.entry_id                    1M69 
_atom_sites.fract_transf_matrix[1][1]   0.03534412 
_atom_sites.fract_transf_matrix[1][2]   -0.00064876 
_atom_sites.fract_transf_matrix[1][3]   -0.01461646 
_atom_sites.fract_transf_matrix[2][1]   0.01067189 
_atom_sites.fract_transf_matrix[2][2]   0.02651262 
_atom_sites.fract_transf_matrix[2][3]   -0.02542604 
_atom_sites.fract_transf_matrix[3][1]   0.00808290 
_atom_sites.fract_transf_matrix[3][2]   0.01485826 
_atom_sites.fract_transf_matrix[3][3]   0.01888580 
_atom_sites.fract_transf_vector[1]      0.337396 
_atom_sites.fract_transf_vector[2]      -0.073272 
_atom_sites.fract_transf_vector[3]      0.486891 
# 
loop_
_atom_type.symbol 
BR 
C  
H  
N  
O  
P  
# 
loop_
_atom_site.group_PDB 
_atom_site.id 
_atom_site.type_symbol 
_atom_site.label_atom_id 
_atom_site.label_alt_id 
_atom_site.label_comp_id 
_atom_site.label_asym_id 
_atom_site.label_entity_id 
_atom_site.label_seq_id 
_atom_site.pdbx_PDB_ins_code 
_atom_site.Cartn_x 
_atom_site.Cartn_y 
_atom_site.Cartn_z 
_atom_site.occupancy 
_atom_site.B_iso_or_equiv 
_atom_site.pdbx_formal_charge 
_atom_site.auth_seq_id 
_atom_site.auth_comp_id 
_atom_site.auth_asym_id 
_atom_site.auth_atom_id 
_atom_site.pdbx_PDB_model_num 
ATOM   1   O  "O5'"  . DC  A 1 1 ? 14.347  9.692   -2.913  1.00 12.07  ? 1001 DC  A "O5'"  1 
ATOM   2   C  "C5'"  . DC  A 1 1 ? 13.893  10.905  -3.484  1.00 11.90  ? 1001 DC  A "C5'"  1 
ATOM   3   C  "C4'"  . DC  A 1 1 ? 12.800  10.607  -4.478  1.00 11.84  ? 1001 DC  A "C4'"  1 
ATOM   4   O  "O4'"  . DC  A 1 1 ? 13.200  9.783   -5.530  1.00 12.11  ? 1001 DC  A "O4'"  1 
ATOM   5   C  "C3'"  . DC  A 1 1 ? 11.541  9.955   -3.849  1.00 11.45  ? 1001 DC  A "C3'"  1 
ATOM   6   O  "O3'"  . DC  A 1 1 ? 10.696  10.976  -3.320  1.00 12.82  ? 1001 DC  A "O3'"  1 
ATOM   7   C  "C2'"  . DC  A 1 1 ? 10.905  9.269   -5.025  1.00 12.13  ? 1001 DC  A "C2'"  1 
ATOM   8   C  "C1'"  . DC  A 1 1 ? 12.088  8.864   -5.894  1.00 11.75  ? 1001 DC  A "C1'"  1 
ATOM   9   N  N1     . DC  A 1 1 ? 12.683  7.545   -5.862  1.00 10.64  ? 1001 DC  A N1     1 
ATOM   10  C  C2     . DC  A 1 1 ? 12.305  6.668   -6.876  1.00 11.01  ? 1001 DC  A C2     1 
ATOM   11  O  O2     . DC  A 1 1 ? 11.508  7.033   -7.752  1.00 11.28  ? 1001 DC  A O2     1 
ATOM   12  N  N3     . DC  A 1 1 ? 12.853  5.430   -6.860  1.00 10.51  ? 1001 DC  A N3     1 
ATOM   13  C  C4     . DC  A 1 1 ? 13.708  5.059   -5.913  1.00 11.20  ? 1001 DC  A C4     1 
ATOM   14  N  N4     . DC  A 1 1 ? 14.222  3.840   -5.924  1.00 11.79  ? 1001 DC  A N4     1 
ATOM   15  C  C5     . DC  A 1 1 ? 14.057  5.962   -4.899  1.00 11.72  ? 1001 DC  A C5     1 
ATOM   16  C  C6     . DC  A 1 1 ? 13.519  7.146   -4.943  1.00 11.87  ? 1001 DC  A C6     1 
ATOM   17  H  "H5'"  . DC  A 1 1 ? 14.628  11.354  -3.930  1.00 14.28  ? 1001 DC  A "H5'"  1 
ATOM   18  H  "H5''" . DC  A 1 1 ? 13.555  11.489  -2.789  1.00 14.28  ? 1001 DC  A "H5''" 1 
ATOM   19  H  "H4'"  . DC  A 1 1 ? 12.520  11.462  -4.867  1.00 14.21  ? 1001 DC  A "H4'"  1 
ATOM   20  H  "H3'"  . DC  A 1 1 ? 11.788  9.307   -3.155  1.00 13.74  ? 1001 DC  A "H3'"  1 
ATOM   21  H  "H2'"  . DC  A 1 1 ? 10.399  8.491   -4.743  1.00 14.55  ? 1001 DC  A "H2'"  1 
ATOM   22  H  "H2''" . DC  A 1 1 ? 10.315  9.873   -5.502  1.00 14.55  ? 1001 DC  A "H2''" 1 
ATOM   23  H  "H1'"  . DC  A 1 1 ? 11.846  9.053   -6.825  1.00 14.10  ? 1001 DC  A "H1'"  1 
ATOM   24  H  H41    . DC  A 1 1 ? 14.001  3.287   -6.544  1.00 14.14  ? 1001 DC  A H41    1 
ATOM   25  H  H42    . DC  A 1 1 ? 14.776  3.601   -5.311  1.00 14.14  ? 1001 DC  A H42    1 
ATOM   26  H  H5     . DC  A 1 1 ? 14.650  5.724   -4.223  1.00 14.06  ? 1001 DC  A H5     1 
ATOM   27  H  H6     . DC  A 1 1 ? 13.745  7.748   -4.272  1.00 14.25  ? 1001 DC  A H6     1 
ATOM   28  P  P      . DG  A 1 2 ? 9.620   10.728  -2.212  1.00 14.31  ? 1002 DG  A P      1 
ATOM   29  O  OP1    . DG  A 1 2 ? 9.115   12.110  -1.805  1.00 15.04  ? 1002 DG  A OP1    1 
ATOM   30  O  OP2    . DG  A 1 2 ? 10.168  9.862   -1.164  1.00 16.25  ? 1002 DG  A OP2    1 
ATOM   31  O  "O5'"  . DG  A 1 2 ? 8.518   9.915   -3.058  1.00 13.28  ? 1002 DG  A "O5'"  1 
ATOM   32  C  "C5'"  . DG  A 1 2 ? 7.305   9.642   -2.429  1.00 16.02  ? 1002 DG  A "C5'"  1 
ATOM   33  C  "C4'"  . DG  A 1 2 ? 6.379   9.016   -3.474  1.00 15.55  ? 1002 DG  A "C4'"  1 
ATOM   34  O  "O4'"  . DG  A 1 2 ? 6.822   7.734   -3.866  1.00 16.07  ? 1002 DG  A "O4'"  1 
ATOM   35  C  "C3'"  . DG  A 1 2 ? 4.907   8.849   -2.941  1.00 17.07  ? 1002 DG  A "C3'"  1 
ATOM   36  O  "O3'"  . DG  A 1 2 ? 4.032   8.961   -4.091  1.00 17.34  ? 1002 DG  A "O3'"  1 
ATOM   37  C  "C2'"  . DG  A 1 2 ? 4.852   7.401   -2.536  1.00 18.44  ? 1002 DG  A "C2'"  1 
ATOM   38  C  "C1'"  . DG  A 1 2 ? 5.804   6.718   -3.437  1.00 17.64  ? 1002 DG  A "C1'"  1 
ATOM   39  N  N9     . DG  A 1 2 ? 6.756   5.610   -2.952  1.00 14.45  ? 1002 DG  A N9     1 
ATOM   40  C  C8     . DG  A 1 2 ? 7.642   5.656   -1.892  1.00 16.93  ? 1002 DG  A C8     1 
ATOM   41  N  N7     . DG  A 1 2 ? 8.303   4.565   -1.734  1.00 14.84  ? 1002 DG  A N7     1 
ATOM   42  C  C5     . DG  A 1 2 ? 7.831   3.747   -2.740  1.00 12.19  ? 1002 DG  A C5     1 
ATOM   43  C  C6     . DG  A 1 2 ? 8.236   2.408   -3.029  1.00 12.94  ? 1002 DG  A C6     1 
ATOM   44  O  O6     . DG  A 1 2 ? 9.071   1.711   -2.451  1.00 13.22  ? 1002 DG  A O6     1 
ATOM   45  N  N1     . DG  A 1 2 ? 7.543   1.897   -4.128  1.00 10.65  ? 1002 DG  A N1     1 
ATOM   46  C  C2     . DG  A 1 2 ? 6.590   2.635   -4.825  1.00 11.21  ? 1002 DG  A C2     1 
ATOM   47  N  N2     . DG  A 1 2 ? 6.028   1.959   -5.864  1.00 11.37  ? 1002 DG  A N2     1 
ATOM   48  N  N3     . DG  A 1 2 ? 6.224   3.857   -4.560  1.00 11.46  ? 1002 DG  A N3     1 
ATOM   49  C  C4     . DG  A 1 2 ? 6.862   4.377   -3.518  1.00 12.56  ? 1002 DG  A C4     1 
ATOM   50  H  "H5'"  . DG  A 1 2 ? 6.916   10.461  -2.083  1.00 19.22  ? 1002 DG  A "H5'"  1 
ATOM   51  H  "H5''" . DG  A 1 2 ? 7.440   9.030   -1.690  1.00 19.22  ? 1002 DG  A "H5''" 1 
ATOM   52  H  "H4'"  . DG  A 1 2 ? 6.361   9.596   -4.264  1.00 18.66  ? 1002 DG  A "H4'"  1 
ATOM   53  H  "H3'"  . DG  A 1 2 ? 4.681   9.468   -2.216  1.00 20.48  ? 1002 DG  A "H3'"  1 
ATOM   54  H  "H2'"  . DG  A 1 2 ? 5.118   7.293   -1.608  1.00 22.13  ? 1002 DG  A "H2'"  1 
ATOM   55  H  "H2''" . DG  A 1 2 ? 3.957   7.045   -2.647  1.00 22.13  ? 1002 DG  A "H2''" 1 
ATOM   56  H  "H1'"  . DG  A 1 2 ? 5.321   6.399   -4.227  1.00 21.17  ? 1002 DG  A "H1'"  1 
ATOM   57  H  H8     . DG  A 1 2 ? 7.749   6.402   -1.347  1.00 20.31  ? 1002 DG  A H8     1 
ATOM   58  H  H1     . DG  A 1 2 ? 7.712   1.094   -4.386  1.00 12.77  ? 1002 DG  A H1     1 
ATOM   59  H  H21    . DG  A 1 2 ? 5.428   2.340   -6.350  1.00 13.64  ? 1002 DG  A H21    1 
ATOM   60  H  H22    . DG  A 1 2 ? 6.271   1.153   -6.036  1.00 13.64  ? 1002 DG  A H22    1 
ATOM   61  P  P      . DT  A 1 3 ? 2.453   8.907   -3.915  1.00 22.43  ? 1003 DT  A P      1 
ATOM   62  O  OP1    . DT  A 1 3 ? 1.863   9.867   -4.863  1.00 27.60  ? 1003 DT  A OP1    1 
ATOM   63  O  OP2    . DT  A 1 3 ? 2.124   9.022   -2.431  1.00 31.22  ? 1003 DT  A OP2    1 
ATOM   64  O  "O5'"  . DT  A 1 3 ? 2.152   7.434   -4.264  1.00 22.70  ? 1003 DT  A "O5'"  1 
ATOM   65  C  "C5'"  . DT  A 1 3 ? 2.294   7.002   -5.564  1.00 21.80  ? 1003 DT  A "C5'"  1 
ATOM   66  C  "C4'"  A DT  A 1 3 ? 1.721   5.506   -5.516  0.65 20.20  ? 1003 DT  A "C4'"  1 
ATOM   67  C  "C4'"  B DT  A 1 3 ? 1.850   5.698   -5.980  0.35 23.54  ? 1003 DT  A "C4'"  1 
ATOM   68  O  "O4'"  A DT  A 1 3 ? 2.631   4.689   -4.761  0.65 17.45  ? 1003 DT  A "O4'"  1 
ATOM   69  O  "O4'"  B DT  A 1 3 ? 2.575   4.545   -5.578  0.35 19.32  ? 1003 DT  A "O4'"  1 
ATOM   70  C  "C3'"  A DT  A 1 3 ? 0.367   5.450   -4.779  0.65 20.56  ? 1003 DT  A "C3'"  1 
ATOM   71  C  "C3'"  B DT  A 1 3 ? 0.356   5.392   -5.774  0.35 24.05  ? 1003 DT  A "C3'"  1 
ATOM   72  O  "O3'"  A DT  A 1 3 ? -0.452  4.412   -5.344  0.65 23.16  ? 1003 DT  A "O3'"  1 
ATOM   73  O  "O3'"  B DT  A 1 3 ? -0.339  5.234   -6.968  0.35 24.84  ? 1003 DT  A "O3'"  1 
ATOM   74  C  "C2'"  A DT  A 1 3 ? 0.701   4.934   -3.387  0.65 18.40  ? 1003 DT  A "C2'"  1 
ATOM   75  C  "C2'"  B DT  A 1 3 ? 0.445   4.792   -4.442  0.35 23.99  ? 1003 DT  A "C2'"  1 
ATOM   76  C  "C1'"  A DT  A 1 3 ? 1.854   3.955   -3.740  0.65 21.72  ? 1003 DT  A "C1'"  1 
ATOM   77  C  "C1'"  B DT  A 1 3 ? 1.842   4.194   -4.340  0.35 18.86  ? 1003 DT  A "C1'"  1 
ATOM   78  N  N1     A DT  A 1 3 ? 2.848   3.455   -2.812  0.65 20.52  ? 1003 DT  A N1     1 
ATOM   79  N  N1     B DT  A 1 3 ? 2.482   3.362   -3.520  0.35 20.08  ? 1003 DT  A N1     1 
ATOM   80  C  C2     A DT  A 1 3 ? 3.335   2.162   -3.091  0.65 21.49  ? 1003 DT  A C2     1 
ATOM   81  C  C2     B DT  A 1 3 ? 3.054   2.097   -3.696  0.35 20.79  ? 1003 DT  A C2     1 
ATOM   82  O  O2     A DT  A 1 3 ? 2.904   1.570   -4.051  0.65 20.44  ? 1003 DT  A O2     1 
ATOM   83  O  O2     B DT  A 1 3 ? 2.642   1.408   -4.595  0.35 21.19  ? 1003 DT  A O2     1 
ATOM   84  N  N3     A DT  A 1 3 ? 4.253   1.773   -2.193  0.65 22.81  ? 1003 DT  A N3     1 
ATOM   85  N  N3     B DT  A 1 3 ? 3.966   1.816   -2.767  0.35 19.52  ? 1003 DT  A N3     1 
ATOM   86  C  C4     A DT  A 1 3 ? 4.752   2.455   -1.099  0.65 21.84  ? 1003 DT  A C4     1 
ATOM   87  C  C4     B DT  A 1 3 ? 4.423   2.633   -1.728  0.35 21.04  ? 1003 DT  A C4     1 
ATOM   88  O  O4     A DT  A 1 3 ? 5.582   1.856   -0.443  0.65 22.74  ? 1003 DT  A O4     1 
ATOM   89  O  O4     B DT  A 1 3 ? 5.314   2.174   -1.027  0.35 22.46  ? 1003 DT  A O4     1 
ATOM   90  C  C5     A DT  A 1 3 ? 4.225   3.768   -0.884  0.65 21.07  ? 1003 DT  A C5     1 
ATOM   91  C  C5     B DT  A 1 3 ? 3.831   3.908   -1.613  0.35 20.90  ? 1003 DT  A C5     1 
ATOM   92  C  C7     A DT  A 1 3 ? 4.762   4.518   0.308   0.65 24.90  ? 1003 DT  A C7     1 
ATOM   93  C  C7     B DT  A 1 3 ? 4.279   4.797   -0.470  0.35 25.37  ? 1003 DT  A C7     1 
ATOM   94  C  C6     A DT  A 1 3 ? 3.319   4.183   -1.743  0.65 21.89  ? 1003 DT  A C6     1 
ATOM   95  C  C6     B DT  A 1 3 ? 2.911   4.214   -2.539  0.35 21.75  ? 1003 DT  A C6     1 
ATOM   96  H  "H5'"  . DT  A 1 3 ? 3.225   7.011   -5.836  1.00 26.16  ? 1003 DT  A "H5'"  1 
ATOM   97  H  "H5''" . DT  A 1 3 ? 1.779   7.555   -6.173  1.00 26.16  ? 1003 DT  A "H5''" 1 
ATOM   98  H  "H4'"  A DT  A 1 3 ? 1.624   5.153   -6.425  0.65 24.24  ? 1003 DT  A "H4'"  1 
ATOM   99  H  "H4'"  B DT  A 1 3 ? 1.955   5.714   -6.955  0.35 28.25  ? 1003 DT  A "H4'"  1 
ATOM   100 H  "H3'"  A DT  A 1 3 ? -0.087  6.319   -4.759  0.65 24.67  ? 1003 DT  A "H3'"  1 
ATOM   101 H  "H3'"  B DT  A 1 3 ? 0.162   6.346   -5.660  0.35 28.86  ? 1003 DT  A "H3'"  1 
ATOM   102 H  "H2'"  A DT  A 1 3 ? 1.000   5.646   -2.799  0.65 22.08  ? 1003 DT  A "H2'"  1 
ATOM   103 H  "H2'"  B DT  A 1 3 ? 0.314   5.464   -3.756  0.35 28.79  ? 1003 DT  A "H2'"  1 
ATOM   104 H  "H2''" A DT  A 1 3 ? -0.052  4.474   -2.982  0.65 22.08  ? 1003 DT  A "H2''" 1 
ATOM   105 H  "H2''" B DT  A 1 3 ? -0.227  4.102   -4.334  0.35 28.79  ? 1003 DT  A "H2''" 1 
ATOM   106 H  "H1'"  A DT  A 1 3 ? 1.452   3.178   -4.183  0.65 26.07  ? 1003 DT  A "H1'"  1 
ATOM   107 H  "H1'"  B DT  A 1 3 ? 1.627   3.239   -4.331  0.35 22.63  ? 1003 DT  A "H1'"  1 
ATOM   108 H  H3     A DT  A 1 3 ? 4.562   0.974   -2.275  0.65 27.37  ? 1003 DT  A H3     1 
ATOM   109 H  H3     B DT  A 1 3 ? 4.300   1.025   -2.795  0.35 23.43  ? 1003 DT  A H3     1 
ATOM   110 H  H71    A DT  A 1 3 ? 5.471   4.012   0.713   0.65 37.35  ? 1003 DT  A H71    1 
ATOM   111 H  H71    B DT  A 1 3 ? 4.972   4.356   0.026   0.35 38.06  ? 1003 DT  A H71    1 
ATOM   112 H  H72    A DT  A 1 3 ? 4.058   4.649   0.948   0.65 37.35  ? 1003 DT  A H72    1 
ATOM   113 H  H72    B DT  A 1 3 ? 3.530   4.970   0.104   0.35 38.06  ? 1003 DT  A H72    1 
ATOM   114 H  H73    A DT  A 1 3 ? 5.100   5.371   0.024   0.65 37.35  ? 1003 DT  A H73    1 
ATOM   115 H  H73    B DT  A 1 3 ? 4.614   5.627   -0.815  0.35 38.06  ? 1003 DT  A H73    1 
ATOM   116 H  H6     A DT  A 1 3 ? 2.927   5.017   -1.615  0.65 26.27  ? 1003 DT  A H6     1 
ATOM   117 H  H6     B DT  A 1 3 ? 2.537   5.066   -2.512  0.35 26.10  ? 1003 DT  A H6     1 
ATOM   118 P  P      A DA  A 1 4 ? -1.886  4.672   -5.938  0.65 21.14  ? 1004 DA  A P      1 
ATOM   119 P  P      B DA  A 1 4 ? -1.879  4.855   -7.207  0.35 24.10  ? 1004 DA  A P      1 
ATOM   120 O  OP1    A DA  A 1 4 ? -1.832  5.539   -7.148  0.65 30.05  ? 1004 DA  A OP1    1 
ATOM   121 O  OP1    B DA  A 1 4 ? -2.134  4.920   -8.691  0.35 30.93  ? 1004 DA  A OP1    1 
ATOM   122 O  OP2    A DA  A 1 4 ? -2.688  4.924   -4.687  0.65 26.32  ? 1004 DA  A OP2    1 
ATOM   123 O  OP2    B DA  A 1 4 ? -2.684  5.518   -6.133  0.35 24.55  ? 1004 DA  A OP2    1 
ATOM   124 O  "O5'"  A DA  A 1 4 ? -2.147  3.159   -6.367  0.65 19.64  ? 1004 DA  A "O5'"  1 
ATOM   125 O  "O5'"  B DA  A 1 4 ? -1.785  3.351   -6.704  0.35 22.69  ? 1004 DA  A "O5'"  1 
ATOM   126 C  "C5'"  A DA  A 1 4 ? -1.415  2.635   -7.451  0.65 19.49  ? 1004 DA  A "C5'"  1 
ATOM   127 C  "C5'"  B DA  A 1 4 ? -1.295  2.491   -7.736  0.35 21.45  ? 1004 DA  A "C5'"  1 
ATOM   128 C  "C4'"  . DA  A 1 4 ? -1.332  1.078   -7.215  1.00 15.98  ? 1004 DA  A "C4'"  1 
ATOM   129 O  "O4'"  . DA  A 1 4 ? -0.502  0.789   -6.154  1.00 16.90  ? 1004 DA  A "O4'"  1 
ATOM   130 C  "C3'"  . DA  A 1 4 ? -2.680  0.471   -6.955  1.00 14.64  ? 1004 DA  A "C3'"  1 
ATOM   131 O  "O3'"  . DA  A 1 4 ? -2.957  -0.681  -7.637  1.00 12.05  ? 1004 DA  A "O3'"  1 
ATOM   132 C  "C2'"  . DA  A 1 4 ? -2.735  0.249   -5.448  1.00 13.30  ? 1004 DA  A "C2'"  1 
ATOM   133 C  "C1'"  . DA  A 1 4 ? -1.282  0.009   -5.101  1.00 12.81  ? 1004 DA  A "C1'"  1 
ATOM   134 N  N9     . DA  A 1 4 ? -0.750  0.506   -3.931  1.00 11.90  ? 1004 DA  A N9     1 
ATOM   135 C  C8     . DA  A 1 4 ? -1.042  1.673   -3.276  1.00 13.02  ? 1004 DA  A C8     1 
ATOM   136 N  N7     . DA  A 1 4 ? -0.389  1.880   -2.212  1.00 13.80  ? 1004 DA  A N7     1 
ATOM   137 C  C5     . DA  A 1 4 ? 0.454   0.760   -2.084  1.00 11.91  ? 1004 DA  A C5     1 
ATOM   138 C  C6     . DA  A 1 4 ? 1.388   0.460   -1.114  1.00 14.64  ? 1004 DA  A C6     1 
ATOM   139 N  N6     . DA  A 1 4 ? 1.715   1.146   -0.054  1.00 16.20  ? 1004 DA  A N6     1 
ATOM   140 N  N1     . DA  A 1 4 ? 2.016   -0.759  -1.363  1.00 12.98  ? 1004 DA  A N1     1 
ATOM   141 C  C2     . DA  A 1 4 ? 1.714   -1.479  -2.415  1.00 11.94  ? 1004 DA  A C2     1 
ATOM   142 N  N3     . DA  A 1 4 ? 0.844   -1.254  -3.382  1.00 11.93  ? 1004 DA  A N3     1 
ATOM   143 C  C4     . DA  A 1 4 ? 0.237   -0.077  -3.135  1.00 11.58  ? 1004 DA  A C4     1 
ATOM   144 H  "H5'"  A DA  A 1 4 ? -0.526  3.022   -7.481  0.65 23.39  ? 1004 DA  A "H5'"  1 
ATOM   145 H  "H5'"  B DA  A 1 4 ? -0.386  2.737   -7.972  0.35 25.74  ? 1004 DA  A "H5'"  1 
ATOM   146 H  "H5''" A DA  A 1 4 ? -1.866  2.828   -8.290  0.65 23.39  ? 1004 DA  A "H5''" 1 
ATOM   147 H  "H5''" B DA  A 1 4 ? -1.850  2.570   -8.528  0.35 25.74  ? 1004 DA  A "H5''" 1 
ATOM   148 H  "H4'"  . DA  A 1 4 ? -0.958  0.664   -8.021  1.00 19.18  ? 1004 DA  A "H4'"  1 
ATOM   149 H  "H3'"  . DA  A 1 4 ? -3.363  1.134   -7.190  1.00 17.57  ? 1004 DA  A "H3'"  1 
ATOM   150 H  "H2'"  . DA  A 1 4 ? -3.082  1.031   -4.990  1.00 15.96  ? 1004 DA  A "H2'"  1 
ATOM   151 H  "H2''" . DA  A 1 4 ? -3.282  -0.520  -5.225  1.00 15.96  ? 1004 DA  A "H2''" 1 
ATOM   152 H  "H1'"  . DA  A 1 4 ? -1.077  -0.945  -5.179  1.00 15.37  ? 1004 DA  A "H1'"  1 
ATOM   153 H  H8     . DA  A 1 4 ? -1.678  2.273   -3.592  1.00 15.62  ? 1004 DA  A H8     1 
ATOM   154 H  H61    . DA  A 1 4 ? 2.313   0.845   0.486   1.00 19.44  ? 1004 DA  A H61    1 
ATOM   155 H  H62    . DA  A 1 4 ? 1.332   1.898   0.106   1.00 19.44  ? 1004 DA  A H62    1 
ATOM   156 H  H2     . DA  A 1 4 ? 2.188   -2.275  -2.494  1.00 14.33  ? 1004 DA  A H2     1 
ATOM   157 P  P      . DC  A 1 5 ? -4.216  -1.635  -7.453  1.00 12.36  ? 1005 DC  A P      1 
ATOM   158 O  OP1    . DC  A 1 5 ? -4.290  -2.445  -8.670  1.00 12.35  ? 1005 DC  A OP1    1 
ATOM   159 O  OP2    . DC  A 1 5 ? -5.409  -0.858  -7.037  1.00 15.57  ? 1005 DC  A OP2    1 
ATOM   160 O  "O5'"  . DC  A 1 5 ? -3.815  -2.524  -6.220  1.00 11.74  ? 1005 DC  A "O5'"  1 
ATOM   161 C  "C5'"  . DC  A 1 5 ? -2.748  -3.473  -6.400  1.00 11.87  ? 1005 DC  A "C5'"  1 
ATOM   162 C  "C4'"  . DC  A 1 5 ? -2.552  -4.211  -5.103  1.00 10.58  ? 1005 DC  A "C4'"  1 
ATOM   163 O  "O4'"  . DC  A 1 5 ? -2.059  -3.364  -4.071  1.00 11.01  ? 1005 DC  A "O4'"  1 
ATOM   164 C  "C3'"  . DC  A 1 5 ? -3.933  -4.766  -4.543  1.00 11.85  ? 1005 DC  A "C3'"  1 
ATOM   165 O  "O3'"  . DC  A 1 5 ? -3.685  -6.090  -4.095  1.00 13.27  ? 1005 DC  A "O3'"  1 
ATOM   166 C  "C2'"  . DC  A 1 5 ? -4.222  -3.891  -3.417  1.00 13.16  ? 1005 DC  A "C2'"  1 
ATOM   167 C  "C1'"  . DC  A 1 5 ? -2.793  -3.572  -2.877  1.00 10.30  ? 1005 DC  A "C1'"  1 
ATOM   168 N  N1     . DC  A 1 5 ? -2.574  -2.485  -1.967  1.00 11.34  ? 1005 DC  A N1     1 
ATOM   169 C  C2     . DC  A 1 5 ? -1.567  -2.558  -0.996  1.00 11.06  ? 1005 DC  A C2     1 
ATOM   170 O  O2     . DC  A 1 5 ? -0.861  -3.629  -0.953  1.00 11.60  ? 1005 DC  A O2     1 
ATOM   171 N  N3     . DC  A 1 5 ? -1.350  -1.551  -0.146  1.00 10.76  ? 1005 DC  A N3     1 
ATOM   172 C  C4     . DC  A 1 5 ? -2.107  -0.463  -0.233  1.00 11.99  ? 1005 DC  A C4     1 
ATOM   173 N  N4     . DC  A 1 5 ? -1.852  0.529   0.635   1.00 13.89  ? 1005 DC  A N4     1 
ATOM   174 C  C5     . DC  A 1 5 ? -3.130  -0.320  -1.192  1.00 12.27  ? 1005 DC  A C5     1 
ATOM   175 C  C6     . DC  A 1 5 ? -3.342  -1.344  -2.046  1.00 11.86  ? 1005 DC  A C6     1 
ATOM   176 H  "H5'"  . DC  A 1 5 ? -1.930  -3.012  -6.646  1.00 14.24  ? 1005 DC  A "H5'"  1 
ATOM   177 H  "H5''" . DC  A 1 5 ? -2.974  -4.097  -7.107  1.00 14.24  ? 1005 DC  A "H5''" 1 
ATOM   178 H  "H4'"  . DC  A 1 5 ? -1.931  -4.955  -5.239  1.00 12.70  ? 1005 DC  A "H4'"  1 
ATOM   179 H  "H3'"  . DC  A 1 5 ? -4.641  -4.736  -5.220  1.00 14.21  ? 1005 DC  A "H3'"  1 
ATOM   180 H  "H2'"  . DC  A 1 5 ? -4.679  -3.086  -3.703  1.00 15.79  ? 1005 DC  A "H2'"  1 
ATOM   181 H  "H2''" . DC  A 1 5 ? -4.759  -4.343  -2.748  1.00 15.79  ? 1005 DC  A "H2''" 1 
ATOM   182 H  "H1'"  . DC  A 1 5 ? -2.447  -4.385  -2.454  1.00 12.36  ? 1005 DC  A "H1'"  1 
ATOM   183 H  H41    . DC  A 1 5 ? -1.223  0.442   1.215   1.00 16.67  ? 1005 DC  A H41    1 
ATOM   184 H  H42    . DC  A 1 5 ? -2.320  1.251   0.613   1.00 16.67  ? 1005 DC  A H42    1 
ATOM   185 H  H5     . DC  A 1 5 ? -3.643  0.455   -1.235  1.00 14.72  ? 1005 DC  A H5     1 
ATOM   186 H  H6     . DC  A 1 5 ? -4.009  -1.278  -2.691  1.00 14.23  ? 1005 DC  A H6     1 
ATOM   187 P  P      . DG  A 1 6 ? -4.890  -7.178  -4.073  1.00 14.36  ? 1006 DG  A P      1 
ATOM   188 O  OP1    . DG  A 1 6 ? -4.729  -8.064  -5.216  1.00 19.71  ? 1006 DG  A OP1    1 
ATOM   189 O  OP2    . DG  A 1 6 ? -6.200  -6.479  -4.013  1.00 15.71  ? 1006 DG  A OP2    1 
ATOM   190 O  "O5'"  . DG  A 1 6 ? -4.524  -8.015  -2.870  1.00 23.94  ? 1006 DG  A "O5'"  1 
ATOM   191 C  "C5'"  . DG  A 1 6 ? -3.974  -7.908  -1.703  1.00 25.78  ? 1006 DG  A "C5'"  1 
ATOM   192 C  "C4'"  . DG  A 1 6 ? -4.367  -8.773  -0.587  1.00 15.46  ? 1006 DG  A "C4'"  1 
ATOM   193 O  "O4'"  . DG  A 1 6 ? -4.479  -8.003  0.643   1.00 14.42  ? 1006 DG  A "O4'"  1 
ATOM   194 C  "C3'"  . DG  A 1 6 ? -5.657  -9.573  -0.693  1.00 18.37  ? 1006 DG  A "C3'"  1 
ATOM   195 O  "O3'"  . DG  A 1 6 ? -5.510  -10.879 -0.179  1.00 20.29  ? 1006 DG  A "O3'"  1 
ATOM   196 C  "C2'"  . DG  A 1 6 ? -6.651  -8.831  0.140   1.00 16.84  ? 1006 DG  A "C2'"  1 
ATOM   197 C  "C1'"  . DG  A 1 6 ? -5.792  -8.327  1.258   1.00 14.27  ? 1006 DG  A "C1'"  1 
ATOM   198 N  N9     . DG  A 1 6 ? -6.117  -6.984  1.890   1.00 12.44  ? 1006 DG  A N9     1 
ATOM   199 C  C8     . DG  A 1 6 ? -7.082  -6.078  1.496   1.00 12.08  ? 1006 DG  A C8     1 
ATOM   200 N  N7     . DG  A 1 6 ? -7.083  -5.038  2.260   1.00 11.67  ? 1006 DG  A N7     1 
ATOM   201 C  C5     . DG  A 1 6 ? -6.096  -5.251  3.201   1.00 12.74  ? 1006 DG  A C5     1 
ATOM   202 C  C6     . DG  A 1 6 ? -5.655  -4.440  4.279   1.00 11.98  ? 1006 DG  A C6     1 
ATOM   203 O  O6     . DG  A 1 6 ? -6.089  -3.331  4.618   1.00 12.25  ? 1006 DG  A O6     1 
ATOM   204 N  N1     . DG  A 1 6 ? -4.612  -5.015  5.004   1.00 10.06  ? 1006 DG  A N1     1 
ATOM   205 C  C2     . DG  A 1 6 ? -4.083  -6.260  4.674   1.00 10.89  ? 1006 DG  A C2     1 
ATOM   206 N  N2     . DG  A 1 6 ? -3.097  -6.648  5.470   1.00 10.60  ? 1006 DG  A N2     1 
ATOM   207 N  N3     . DG  A 1 6 ? -4.466  -7.029  3.683   1.00 11.57  ? 1006 DG  A N3     1 
ATOM   208 C  C4     . DG  A 1 6 ? -5.474  -6.452  2.991   1.00 11.44  ? 1006 DG  A C4     1 
ATOM   209 H  "H5'"  . DG  A 1 6 ? -4.106  -6.992  -1.411  1.00 30.94  ? 1006 DG  A "H5'"  1 
ATOM   210 H  "H5''" . DG  A 1 6 ? -3.019  -8.025  -1.829  1.00 30.94  ? 1006 DG  A "H5''" 1 
ATOM   211 H  "H4'"  . DG  A 1 6 ? -3.640  -9.418  -0.455  1.00 18.55  ? 1006 DG  A "H4'"  1 
ATOM   212 H  "H3'"  . DG  A 1 6 ? -5.958  -9.609  -1.625  1.00 22.04  ? 1006 DG  A "H3'"  1 
ATOM   213 H  "HO3'" . DG  A 1 6 ? -5.990  -10.969 0.479   1.00 30.44  ? 1006 DG  A "HO3'" 1 
ATOM   214 H  "H2'"  . DG  A 1 6 ? -7.053  -8.100  -0.355  1.00 20.21  ? 1006 DG  A "H2'"  1 
ATOM   215 H  "H2''" . DG  A 1 6 ? -7.350  -9.419  0.467   1.00 20.21  ? 1006 DG  A "H2''" 1 
ATOM   216 H  "H1'"  . DG  A 1 6 ? -5.687  -9.016  1.949   1.00 17.13  ? 1006 DG  A "H1'"  1 
ATOM   217 H  H8     . DG  A 1 6 ? -7.655  -6.200  0.774   1.00 14.50  ? 1006 DG  A H8     1 
ATOM   218 H  H1     . DG  A 1 6 ? -4.287  -4.588  5.675   1.00 12.07  ? 1006 DG  A H1     1 
ATOM   219 H  H21    . DG  A 1 6 ? -2.710  -7.404  5.335   1.00 12.72  ? 1006 DG  A H21    1 
ATOM   220 H  H22    . DG  A 1 6 ? -2.846  -6.144  6.119   1.00 12.72  ? 1006 DG  A H22    1 
HETATM 221 C  C1     C DAX B 2 . ? -8.470  -6.239  5.478   0.50 15.70  ? 2000 DAX A C1     1 
HETATM 222 C  C2     C DAX B 2 . ? -8.373  -7.386  4.785   0.50 13.78  ? 2000 DAX A C2     1 
HETATM 223 C  C3     C DAX B 2 . ? -7.440  -8.407  5.098   0.50 15.89  ? 2000 DAX A C3     1 
HETATM 224 C  C4     C DAX B 2 . ? -6.604  -8.215  6.151   0.50 18.41  ? 2000 DAX A C4     1 
HETATM 225 C  C5     C DAX B 2 . ? -4.904  -5.647  9.827   0.50 12.58  ? 2000 DAX A C5     1 
HETATM 226 C  C6     C DAX B 2 . ? -4.872  -4.559  10.621  0.50 12.25  ? 2000 DAX A C6     1 
HETATM 227 C  C7     C DAX B 2 . ? -5.786  -3.485  10.364  0.50 15.25  ? 2000 DAX A C7     1 
HETATM 228 C  C8     C DAX B 2 . ? -6.654  -3.597  9.327   0.50 12.73  ? 2000 DAX A C8     1 
HETATM 229 C  C9     C DAX B 2 . ? -7.609  -4.855  7.395   0.50 13.44  ? 2000 DAX A C9     1 
HETATM 230 N  N9     C DAX B 2 . ? -8.459  -3.793  7.209   0.50 11.31  ? 2000 DAX A N9     1 
HETATM 231 N  N10    C DAX B 2 . ? -5.793  -6.887  7.977   0.50 11.88  ? 2000 DAX A N10    1 
HETATM 232 C  C11    C DAX B 2 . ? -7.618  -6.008  6.578   0.50 12.82  ? 2000 DAX A C11    1 
HETATM 233 C  C12    C DAX B 2 . ? -6.653  -7.018  6.938   0.50 12.00  ? 2000 DAX A C12    1 
HETATM 234 C  C13    C DAX B 2 . ? -6.696  -4.738  8.484   0.50 10.84  ? 2000 DAX A C13    1 
HETATM 235 C  C14    C DAX B 2 . ? -5.801  -5.772  8.747   0.50 10.82  ? 2000 DAX A C14    1 
HETATM 236 C  CD1    C DAX B 2 . ? -5.637  -9.295  6.464   0.50 21.01  ? 2000 DAX A CD1    1 
HETATM 237 O  OD1    C DAX B 2 . ? -4.795  -9.098  7.338   0.50 28.45  ? 2000 DAX A OD1    1 
HETATM 238 N  ND1    C DAX B 2 . ? -5.620  -10.325 5.614   0.50 23.33  ? 2000 DAX A ND1    1 
HETATM 239 BR BR     C DAX B 2 . ? -3.709  -7.174  10.084  0.50 17.30  ? 2000 DAX A BR     1 
HETATM 240 C  CD2    C DAX B 2 . ? -4.742  -11.457 5.911   0.50 24.30  ? 2000 DAX A CD2    1 
HETATM 241 C  CD3    C DAX B 2 . ? -5.307  -11.977 7.202   0.50 30.43  ? 2000 DAX A CD3    1 
HETATM 242 N  ND2    C DAX B 2 . ? -5.518  -13.345 7.603   0.50 31.06  ? 2000 DAX A ND2    1 
HETATM 243 C  CD7    C DAX B 2 . ? -5.000  -13.360 8.984   0.50 30.34  ? 2000 DAX A CD7    1 
HETATM 244 C  CD8    C DAX B 2 . ? -5.208  -14.498 6.783   0.50 18.64  ? 2000 DAX A CD8    1 
HETATM 245 H  H1     C DAX B 2 . ? -9.099  -5.599  5.234   0.50 18.84  ? 2000 DAX A H1     1 
HETATM 246 H  H2     C DAX B 2 . ? -8.946  -7.516  4.064   0.50 16.54  ? 2000 DAX A H2     1 
HETATM 247 H  H3     C DAX B 2 . ? -7.401  -9.189  4.595   0.50 19.07  ? 2000 DAX A H3     1 
HETATM 248 H  H6     C DAX B 2 . ? -4.267  -4.507  11.325  0.50 14.70  ? 2000 DAX A H6     1 
HETATM 249 H  H7     C DAX B 2 . ? -5.784  -2.724  10.899  0.50 18.30  ? 2000 DAX A H7     1 
HETATM 250 H  H8     C DAX B 2 . ? -7.246  -2.898  9.162   0.50 15.28  ? 2000 DAX A H8     1 
HETATM 251 H  H91    C DAX B 2 . ? -9.032  -3.809  6.569   0.50 13.58  ? 2000 DAX A H91    1 
HETATM 252 H  H92    C DAX B 2 . ? -8.416  -3.112  7.732   0.50 13.58  ? 2000 DAX A H92    1 
HETATM 253 H  H10    C DAX B 2 . ? -5.236  -7.519  8.149   0.50 14.25  ? 2000 DAX A H10    1 
HETATM 254 H  HD1    C DAX B 2 . ? -6.113  -10.322 4.909   0.50 28.00  ? 2000 DAX A HD1    1 
HETATM 255 H  HD21   C DAX B 2 . ? -3.822  -11.169 6.022   0.50 29.16  ? 2000 DAX A HD21   1 
HETATM 256 H  HD22   C DAX B 2 . ? -4.784  -12.129 5.212   0.50 29.16  ? 2000 DAX A HD22   1 
HETATM 257 H  HD31   C DAX B 2 . ? -4.807  -11.538 7.907   0.50 36.52  ? 2000 DAX A HD31   1 
HETATM 258 H  HD32   C DAX B 2 . ? -6.177  -11.547 7.161   0.50 36.52  ? 2000 DAX A HD32   1 
HETATM 259 H  HD2    C DAX B 2 . ? -6.424  -13.278 7.652   0.50 37.27  ? 2000 DAX A HD2    1 
HETATM 260 H  HD71   C DAX B 2 . ? -5.319  -14.143 9.437   0.50 45.51  ? 2000 DAX A HD71   1 
HETATM 261 H  HD72   C DAX B 2 . ? -5.301  -12.576 9.448   0.50 45.51  ? 2000 DAX A HD72   1 
HETATM 262 H  HD73   C DAX B 2 . ? -4.040  -13.370 8.965   0.50 45.51  ? 2000 DAX A HD73   1 
HETATM 263 H  HD81   C DAX B 2 . ? -5.545  -15.292 7.205   0.50 27.96  ? 2000 DAX A HD81   1 
HETATM 264 H  HD82   C DAX B 2 . ? -4.257  -14.570 6.678   0.50 27.96  ? 2000 DAX A HD82   1 
HETATM 265 H  HD83   C DAX B 2 . ? -5.619  -14.397 5.921   0.50 27.96  ? 2000 DAX A HD83   1 
HETATM 266 C  C1     D DAX C 2 . ? -0.267  -4.124  4.899   0.69 18.89  ? 3000 DAX A C1     1 
HETATM 267 C  C1     F DAX C 2 . ? -3.335  -4.836  0.911   0.31 12.00  ? 3000 DAX A C1     1 
HETATM 268 C  C2     D DAX C 2 . ? 0.084   -3.217  5.884   0.69 20.01  ? 3000 DAX A C2     1 
HETATM 269 C  C2     F DAX C 2 . ? -4.330  -4.322  0.138   0.31 14.90  ? 3000 DAX A C2     1 
HETATM 270 C  C3     D DAX C 2 . ? -0.601  -1.989  5.959   0.69 23.33  ? 3000 DAX A C3     1 
HETATM 271 C  C3     F DAX C 2 . ? -4.795  -3.018  0.393   0.31 16.06  ? 3000 DAX A C3     1 
HETATM 272 C  C4     D DAX C 2 . ? -1.561  -1.615  5.065   0.69 16.99  ? 3000 DAX A C4     1 
HETATM 273 C  C4     F DAX C 2 . ? -4.304  -2.245  1.395   0.31 13.92  ? 3000 DAX A C4     1 
HETATM 274 C  C5     D DAX C 2 . ? -4.386  -2.729  1.396   0.69 16.93  ? 3000 DAX A C5     1 
HETATM 275 C  C5     F DAX C 2 . ? -1.484  -1.379  5.009   0.31 18.23  ? 3000 DAX A C5     1 
HETATM 276 C  C6     D DAX C 2 . ? -4.793  -3.534  0.376   0.69 16.49  ? 3000 DAX A C6     1 
HETATM 277 C  C6     F DAX C 2 . ? -0.472  -1.752  5.815   0.31 20.48  ? 3000 DAX A C6     1 
HETATM 278 C  C7     D DAX C 2 . ? -4.201  -4.804  0.233   0.69 13.81  ? 3000 DAX A C7     1 
HETATM 279 C  C7     F DAX C 2 . ? 0.115   -3.039  5.727   0.31 22.38  ? 3000 DAX A C7     1 
HETATM 280 C  C8     D DAX C 2 . ? -3.184  -5.246  1.052   0.69 10.97  ? 3000 DAX A C8     1 
HETATM 281 C  C8     F DAX C 2 . ? -0.269  -3.943  4.739   0.31 20.27  ? 3000 DAX A C8     1 
HETATM 282 C  C9     D DAX C 2 . ? -1.719  -4.699  2.971   0.69 13.95  ? 3000 DAX A C9     1 
HETATM 283 C  C9     F DAX C 2 . ? -1.734  -4.479  2.833   0.31 12.52  ? 3000 DAX A C9     1 
HETATM 284 N  N9     D DAX C 2 . ? -1.147  -5.922  2.758   0.69 16.13  ? 3000 DAX A N9     1 
HETATM 285 N  N9     F DAX C 2 . ? -1.143  -5.697  2.617   0.31 20.53  ? 3000 DAX A N9     1 
HETATM 286 N  N10    D DAX C 2 . ? -2.978  -2.321  3.278   0.69 20.14  ? 3000 DAX A N10    1 
HETATM 287 N  N10    F DAX C 2 . ? -2.814  -1.946  3.160   0.31 16.44  ? 3000 DAX A N10    1 
HETATM 288 C  C11    D DAX C 2 . ? -1.285  -3.836  3.989   0.69 15.40  ? 3000 DAX A C11    1 
HETATM 289 C  C11    F DAX C 2 . ? -2.734  -4.067  1.915   0.31 14.45  ? 3000 DAX A C11    1 
HETATM 290 C  C12    D DAX C 2 . ? -1.990  -2.565  4.081   0.69 19.75  ? 3000 DAX A C12    1 
HETATM 291 C  C12    F DAX C 2 . ? -3.267  -2.758  2.207   0.31 11.63  ? 3000 DAX A C12    1 
HETATM 292 C  C13    D DAX C 2 . ? -2.761  -4.378  2.050   0.69 14.45  ? 3000 DAX A C13    1 
HETATM 293 C  C13    F DAX C 2 . ? -1.267  -3.644  3.828   0.31 16.92  ? 3000 DAX A C13    1 
HETATM 294 C  C14    D DAX C 2 . ? -3.387  -3.120  2.299   0.69 16.99  ? 3000 DAX A C14    1 
HETATM 295 C  C14    F DAX C 2 . ? -1.914  -2.292  4.025   0.31 19.36  ? 3000 DAX A C14    1 
HETATM 296 C  CD1    D DAX C 2 . ? -1.990  -0.192  4.982   0.69 19.33  ? 3000 DAX A CD1    1 
HETATM 297 C  CD1    F DAX C 2 . ? -4.934  -0.981  1.841   0.31 13.15  ? 3000 DAX A CD1    1 
HETATM 298 O  OD1    D DAX C 2 . ? -2.889  0.182   4.183   0.69 38.00  ? 3000 DAX A OD1    1 
HETATM 299 O  OD1    F DAX C 2 . ? -4.593  -0.571  2.895   0.31 17.70  ? 3000 DAX A OD1    1 
HETATM 300 N  ND1    D DAX C 2 . ? -1.341  0.664   5.645   0.69 43.43  ? 3000 DAX A ND1    1 
HETATM 301 N  ND1    F DAX C 2 . ? -6.189  -1.072  1.415   0.31 19.69  ? 3000 DAX A ND1    1 
HETATM 302 BR BR     D DAX C 2 . ? -5.188  -0.934  1.713   0.69 26.35  ? 3000 DAX A BR     1 
HETATM 303 BR BR     F DAX C 2 . ? -2.324  0.406   5.204   0.31 26.35  ? 3000 DAX A BR     1 
HETATM 304 C  CD2    D DAX C 2 . ? -0.478  1.700   6.024   0.69 44.92  ? 3000 DAX A CD2    1 
HETATM 305 C  CD2    F DAX C 2 . ? -7.375  -0.461  2.009   0.31 27.12  ? 3000 DAX A CD2    1 
HETATM 306 C  CD3    D DAX C 2 . ? 0.586   1.159   7.024   0.69 42.60  ? 3000 DAX A CD3    1 
HETATM 307 C  CD3    F DAX C 2 . ? -8.634  -1.174  1.553   0.31 26.10  ? 3000 DAX A CD3    1 
HETATM 308 N  ND2    D DAX C 2 . ? 1.613   2.205   6.788   0.69 52.58  ? 3000 DAX A ND2    1 
HETATM 309 N  ND2    F DAX C 2 . ? -8.459  -2.638  1.573   0.31 21.44  ? 3000 DAX A ND2    1 
HETATM 310 C  CD7    D DAX C 2 . ? 2.821   2.005   7.574   0.69 68.11  ? 3000 DAX A CD7    1 
HETATM 311 C  CD7    F DAX C 2 . ? -8.605  -3.129  0.165   0.31 38.74  ? 3000 DAX A CD7    1 
HETATM 312 C  CD8    D DAX C 2 . ? 1.868   2.032   5.354   0.69 50.47  ? 3000 DAX A CD8    1 
HETATM 313 C  CD8    F DAX C 2 . ? -9.463  -3.308  2.382   0.31 27.58  ? 3000 DAX A CD8    1 
HETATM 314 H  H1     D DAX C 2 . ? 0.182   -4.936  4.843   0.69 22.67  ? 3000 DAX A H1     1 
HETATM 315 H  H1     F DAX C 2 . ? -3.049  -5.710  0.769   0.31 14.40  ? 3000 DAX A H1     1 
HETATM 316 H  H2     D DAX C 2 . ? 0.763   -3.414  6.487   0.69 24.01  ? 3000 DAX A H2     1 
HETATM 317 H  H2     F DAX C 2 . ? -4.699  -4.826  -0.551  0.31 17.88  ? 3000 DAX A H2     1 
HETATM 318 H  H3     D DAX C 2 . ? -0.390  -1.405  6.650   0.69 27.99  ? 3000 DAX A H3     1 
HETATM 319 H  H3     F DAX C 2 . ? -5.468  -2.672  -0.147  0.31 19.27  ? 3000 DAX A H3     1 
HETATM 320 H  H6     D DAX C 2 . ? -5.450  -3.250  -0.216  0.69 19.78  ? 3000 DAX A H6     1 
HETATM 321 H  H6     F DAX C 2 . ? -0.148  -1.149  6.445   0.31 24.58  ? 3000 DAX A H6     1 
HETATM 322 H  H7     D DAX C 2 . ? -4.509  -5.367  -0.440  0.69 16.57  ? 3000 DAX A H7     1 
HETATM 323 H  H7     F DAX C 2 . ? 0.769   -3.285  6.340   0.31 26.86  ? 3000 DAX A H7     1 
HETATM 324 H  H8     D DAX C 2 . ? -2.799  -6.085  0.941   0.69 13.17  ? 3000 DAX A H8     1 
HETATM 325 H  H8     F DAX C 2 . ? 0.155   -4.768  4.690   0.31 24.33  ? 3000 DAX A H8     1 
HETATM 326 H  H91    D DAX C 2 . ? -0.499  -6.186  3.257   0.69 19.36  ? 3000 DAX A H91    1 
HETATM 327 H  H91    F DAX C 2 . ? -0.478  -5.944  3.103   0.31 24.64  ? 3000 DAX A H91    1 
HETATM 328 H  H92    D DAX C 2 . ? -1.436  -6.428  2.126   0.69 19.36  ? 3000 DAX A H92    1 
HETATM 329 H  H92    F DAX C 2 . ? -1.437  -6.214  1.995   0.31 24.64  ? 3000 DAX A H92    1 
HETATM 330 H  H10    D DAX C 2 . ? -3.402  -1.582  3.388   0.69 24.17  ? 3000 DAX A H10    1 
HETATM 331 H  H10    F DAX C 2 . ? -3.136  -1.150  3.205   0.31 19.73  ? 3000 DAX A H10    1 
HETATM 332 H  HD1    D DAX C 2 . ? -1.654  0.476   6.423   0.69 52.12  ? 3000 DAX A HD1    1 
HETATM 333 H  HD1    F DAX C 2 . ? -6.317  -1.546  0.710   0.31 23.63  ? 3000 DAX A HD1    1 
HETATM 334 H  HD21   D DAX C 2 . ? -0.800  2.562   6.334   0.69 53.90  ? 3000 DAX A HD21   1 
HETATM 335 H  HD21   F DAX C 2 . ? -7.421  0.472   1.750   0.31 32.54  ? 3000 DAX A HD21   1 
HETATM 336 H  HD22   D DAX C 2 . ? -0.065  1.828   5.156   0.69 53.90  ? 3000 DAX A HD22   1 
HETATM 337 H  HD22   F DAX C 2 . ? -7.312  -0.504  2.975   0.31 32.54  ? 3000 DAX A HD22   1 
HETATM 338 H  HD31   D DAX C 2 . ? 0.264   1.158   7.939   0.69 51.12  ? 3000 DAX A HD31   1 
HETATM 339 H  HD31   F DAX C 2 . ? -9.370  -0.931  2.137   0.31 31.32  ? 3000 DAX A HD31   1 
HETATM 340 H  HD32   D DAX C 2 . ? 0.899   0.272   6.784   0.69 51.12  ? 3000 DAX A HD32   1 
HETATM 341 H  HD32   F DAX C 2 . ? -8.858  -0.888  0.654   0.31 31.32  ? 3000 DAX A HD32   1 
HETATM 342 H  HD2    D DAX C 2 . ? 1.265   3.031   6.950   0.69 63.09  ? 3000 DAX A HD2    1 
HETATM 343 H  HD2    F DAX C 2 . ? -7.629  -2.842  1.884   0.31 25.73  ? 3000 DAX A HD2    1 
HETATM 344 H  HD71   D DAX C 2 . ? 2.607   2.067   8.508   0.69 102.17 ? 3000 DAX A HD71   1 
HETATM 345 H  HD71   F DAX C 2 . ? -7.946  -2.707  -0.392  0.31 58.11  ? 3000 DAX A HD71   1 
HETATM 346 H  HD72   D DAX C 2 . ? 3.466   2.680   7.347   0.69 102.17 ? 3000 DAX A HD72   1 
HETATM 347 H  HD72   F DAX C 2 . ? -9.482  -2.915  -0.160  0.31 58.11  ? 3000 DAX A HD72   1 
HETATM 348 H  HD73   D DAX C 2 . ? 3.185   1.137   7.386   0.69 102.17 ? 3000 DAX A HD73   1 
HETATM 349 H  HD73   F DAX C 2 . ? -8.479  -4.081  0.143   0.31 58.11  ? 3000 DAX A HD73   1 
HETATM 350 H  HD81   D DAX C 2 . ? 2.649   2.531   5.105   0.69 75.70  ? 3000 DAX A HD81   1 
HETATM 351 H  HD81   F DAX C 2 . ? -9.299  -4.254  2.377   0.31 41.38  ? 3000 DAX A HD81   1 
HETATM 352 H  HD82   D DAX C 2 . ? 1.112   2.350   4.854   0.69 75.70  ? 3000 DAX A HD82   1 
HETATM 353 H  HD82   F DAX C 2 . ? -10.335 -3.132  2.021   0.31 41.38  ? 3000 DAX A HD82   1 
HETATM 354 H  HD83   D DAX C 2 . ? 2.008   1.102   5.164   0.69 75.70  ? 3000 DAX A HD83   1 
HETATM 355 H  HD83   F DAX C 2 . ? -9.419  -2.980  3.283   0.31 41.38  ? 3000 DAX A HD83   1 
HETATM 356 N  N1     . SPM D 3 . ? 5.905   9.334   0.540   1.00 70.32  ? 4000 SPM A N1     1 
HETATM 357 C  C2     . SPM D 3 . ? 6.419   7.904   0.604   1.00 32.67  ? 4000 SPM A C2     1 
HETATM 358 C  C3     . SPM D 3 . ? 7.510   7.210   1.170   1.00 44.79  ? 4000 SPM A C3     1 
HETATM 359 C  C4     . SPM D 3 . ? 7.320   5.796   1.698   1.00 59.17  ? 4000 SPM A C4     1 
HETATM 360 N  N5     . SPM D 3 . ? 7.892   5.407   2.976   1.00 78.02  ? 4000 SPM A N5     1 
HETATM 361 C  C6     . SPM D 3 . ? 7.400   6.386   4.107   1.00 85.93  ? 4000 SPM A C6     1 
HETATM 362 C  C7     . SPM D 3 . ? 6.282   5.409   4.710   1.00 90.69  ? 4000 SPM A C7     1 
HETATM 363 H  HN11   . SPM D 3 . ? 5.358   9.422   -0.155  1.00 105.48 ? 4000 SPM A HN11   1 
HETATM 364 H  HN12   . SPM D 3 . ? 6.592   9.892   0.449   1.00 105.48 ? 4000 SPM A HN12   1 
HETATM 365 H  H21    . SPM D 3 . ? 5.655   7.418   0.953   1.00 39.21  ? 4000 SPM A H21    1 
HETATM 366 H  H22    . SPM D 3 . ? 6.469   7.654   -0.331  1.00 39.21  ? 4000 SPM A H22    1 
HETATM 367 H  H31    . SPM D 3 . ? 7.847   7.749   1.903   1.00 53.75  ? 4000 SPM A H31    1 
HETATM 368 H  H32    . SPM D 3 . ? 8.209   7.176   0.499   1.00 53.75  ? 4000 SPM A H32    1 
HETATM 369 H  H41    . SPM D 3 . ? 6.365   5.634   1.750   1.00 71.00  ? 4000 SPM A H41    1 
HETATM 370 H  H42    . SPM D 3 . ? 7.672   5.189   1.029   1.00 71.00  ? 4000 SPM A H42    1 
HETATM 371 H  HN5    . SPM D 3 . ? 8.423   4.741   3.097   1.00 93.62  ? 4000 SPM A HN5    1 
HETATM 372 H  H61    . SPM D 3 . ? 8.096   6.594   4.748   1.00 103.11 ? 4000 SPM A H61    1 
HETATM 373 H  H62    . SPM D 3 . ? 7.022   7.205   3.750   1.00 103.11 ? 4000 SPM A H62    1 
HETATM 374 H  H71    . SPM D 3 . ? 5.665   5.101   4.028   1.00 108.83 ? 4000 SPM A H71    1 
HETATM 375 H  H72    . SPM D 3 . ? 5.787   5.828   5.432   1.00 108.83 ? 4000 SPM A H72    1 
HETATM 376 O  O      . HOH E 4 . ? -2.706  -9.116  2.855   1.00 13.81  ? 5001 HOH A O      1 
HETATM 377 O  O      . HOH E 4 . ? -3.085  -10.107 -5.818  1.00 15.68  ? 5002 HOH A O      1 
HETATM 378 O  O      . HOH E 4 . ? 6.893   7.826   -6.754  1.00 23.60  ? 5003 HOH A O      1 
HETATM 379 O  O      . HOH E 4 . ? 14.050  9.799   -0.333  0.69 30.31  ? 5004 HOH A O      1 
HETATM 380 O  O      . HOH E 4 . ? 11.877  11.203  0.468   0.50 15.29  ? 5005 HOH A O      1 
HETATM 381 O  O      . HOH E 4 . ? -5.559  -4.848  -8.584  1.00 20.96  ? 5006 HOH A O      1 
HETATM 382 O  O      . HOH E 4 . ? -4.172  -11.377 2.110   1.00 19.77  ? 5007 HOH A O      1 
HETATM 383 O  O      . HOH E 4 . ? -5.829  -0.478  -4.083  0.50 25.33  ? 5008 HOH A O      1 
HETATM 384 O  O      . HOH E 4 . ? 3.376   11.052  -6.778  1.00 30.01  ? 5009 HOH A O      1 
HETATM 385 O  O      . HOH E 4 . ? -3.640  2.776   0.490   1.00 25.21  ? 5010 HOH A O      1 
HETATM 386 O  O      . HOH E 4 . ? -3.936  -0.702  12.338  1.00 12.46  ? 5011 HOH A O      1 
HETATM 387 O  O      . HOH E 4 . ? -6.032  -1.354  -10.611 1.00 33.96  ? 5012 HOH A O      1 
HETATM 388 O  O      . HOH E 4 . ? 4.908   8.989   -7.862  1.00 31.69  ? 5013 HOH A O      1 
HETATM 389 O  O      . HOH E 4 . ? -7.663  -5.877  -1.846  1.00 33.89  ? 5014 HOH A O      1 
HETATM 390 O  O      . HOH E 4 . ? 8.643   9.736   1.069   1.00 31.67  ? 5015 HOH A O      1 
HETATM 391 O  O      . HOH E 4 . ? -9.635  -0.731  -5.079  1.00 40.30  ? 5016 HOH A O      1 
HETATM 392 O  O      . HOH E 4 . ? -0.193  -9.567  4.201   0.50 23.91  ? 5017 HOH A O      1 
HETATM 393 O  O      . HOH E 4 . ? 9.821   13.170  1.814   0.50 23.61  ? 5018 HOH A O      1 
HETATM 394 O  O      . HOH E 4 . ? 9.614   9.668   3.750   1.00 41.29  ? 5019 HOH A O      1 
HETATM 395 O  O      . HOH E 4 . ? -8.011  2.313   -0.961  1.00 73.59  ? 5020 HOH A O      1 
HETATM 396 O  O      . HOH E 4 . ? -1.242  -8.818  6.222   0.50 21.93  ? 5021 HOH A O      1 
HETATM 397 O  O      . HOH E 4 . ? -8.951  -1.301  8.390   0.50 14.00  ? 5022 HOH A O      1 
HETATM 398 O  O      . HOH E 4 . ? 0.758   2.629   3.411   1.00 35.10  ? 5023 HOH A O      1 
HETATM 399 O  O      . HOH E 4 . ? -5.029  -11.052 10.373  1.00 28.21  ? 5024 HOH A O      1 
HETATM 400 O  O      D HOH E 4 . ? -2.517  2.459   3.743   0.69 44.00  ? 5025 HOH A O      1 
HETATM 401 O  O      . HOH E 4 . ? -7.221  -1.810  -5.267  1.00 45.15  ? 5026 HOH A O      1 
HETATM 402 O  O      . HOH E 4 . ? -3.378  -13.563 3.695   1.00 46.65  ? 5027 HOH A O      1 
HETATM 403 O  O      . HOH E 4 . ? -4.742  2.214   -3.285  1.00 53.15  ? 5028 HOH A O      1 
HETATM 404 O  O      . HOH E 4 . ? -4.796  3.676   -8.433  1.00 33.92  ? 5029 HOH A O      1 
HETATM 405 O  O      . HOH E 4 . ? -7.381  -4.799  -5.762  1.00 44.19  ? 5030 HOH A O      1 
HETATM 406 O  O      . HOH E 4 . ? 0.219   3.545   0.159   1.00 39.13  ? 5031 HOH A O      1 
HETATM 407 O  O      . HOH E 4 . ? -7.556  -11.044 3.060   1.00 68.64  ? 5032 HOH A O      1 
HETATM 408 O  O      . HOH E 4 . ? -6.895  -1.837  -2.542  0.50 50.57  ? 5033 HOH A O      1 
HETATM 409 O  O      . HOH E 4 . ? 10.326  7.224   5.509   1.00 90.85  ? 5037 HOH A O      1 
HETATM 410 O  O      . HOH E 4 . ? 4.220   2.381   2.958   0.50 24.25  ? 5039 HOH A O      1 
HETATM 411 O  O      . HOH E 4 . ? 1.164   0.299   9.015   0.31 22.56  ? 5042 HOH A O      1 
HETATM 412 O  O      . HOH E 4 . ? 11.772  12.337  2.420   0.50 32.28  ? 5043 HOH A O      1 
# 
loop_
_atom_site_anisotrop.id 
_atom_site_anisotrop.type_symbol 
_atom_site_anisotrop.pdbx_label_atom_id 
_atom_site_anisotrop.pdbx_label_alt_id 
_atom_site_anisotrop.pdbx_label_comp_id 
_atom_site_anisotrop.pdbx_label_asym_id 
_atom_site_anisotrop.pdbx_label_seq_id 
_atom_site_anisotrop.pdbx_PDB_ins_code 
_atom_site_anisotrop.U[1][1] 
_atom_site_anisotrop.U[2][2] 
_atom_site_anisotrop.U[3][3] 
_atom_site_anisotrop.U[1][2] 
_atom_site_anisotrop.U[1][3] 
_atom_site_anisotrop.U[2][3] 
_atom_site_anisotrop.pdbx_auth_seq_id 
_atom_site_anisotrop.pdbx_auth_comp_id 
_atom_site_anisotrop.pdbx_auth_asym_id 
_atom_site_anisotrop.pdbx_auth_atom_id 
1   O  "O5'" . DC  A 1 ? 0.1189 0.1507 0.1889 0.0375  0.0018  0.0357  1001 DC  A "O5'" 
2   C  "C5'" . DC  A 1 ? 0.1124 0.1352 0.2046 0.0035  -0.0066 0.0017  1001 DC  A "C5'" 
3   C  "C4'" . DC  A 1 ? 0.1252 0.1278 0.1970 0.0013  0.0206  0.0276  1001 DC  A "C4'" 
4   O  "O4'" . DC  A 1 ? 0.1402 0.1371 0.1827 0.0371  0.0420  0.0071  1001 DC  A "O4'" 
5   C  "C3'" . DC  A 1 ? 0.1144 0.1175 0.2032 0.0093  0.0124  0.0242  1001 DC  A "C3'" 
6   O  "O3'" . DC  A 1 ? 0.1071 0.1678 0.2120 0.0250  0.0449  0.0227  1001 DC  A "O3'" 
7   C  "C2'" . DC  A 1 ? 0.1089 0.1474 0.2045 0.0162  0.0336  0.0255  1001 DC  A "C2'" 
8   C  "C1'" . DC  A 1 ? 0.1158 0.1670 0.1637 -0.0012 -0.0243 -0.0120 1001 DC  A "C1'" 
9   N  N1    . DC  A 1 ? 0.1277 0.1023 0.1741 0.0179  0.0017  0.0198  1001 DC  A N1    
10  C  C2    . DC  A 1 ? 0.1253 0.1337 0.1591 0.0030  0.0299  0.0179  1001 DC  A C2    
11  O  O2    . DC  A 1 ? 0.1082 0.1566 0.1640 0.0111  0.0043  0.0207  1001 DC  A O2    
12  N  N3    . DC  A 1 ? 0.0947 0.1302 0.1745 0.0046  0.0051  0.0131  1001 DC  A N3    
13  C  C4    . DC  A 1 ? 0.0904 0.1404 0.1949 -0.0223 0.0117  0.0438  1001 DC  A C4    
14  N  N4    . DC  A 1 ? 0.1014 0.1440 0.2024 0.0030  -0.0075 0.0270  1001 DC  A N4    
15  C  C5    . DC  A 1 ? 0.0853 0.1529 0.2070 0.0044  -0.0088 0.0267  1001 DC  A C5    
16  C  C6    . DC  A 1 ? 0.1028 0.1452 0.2032 0.0096  -0.0237 0.0323  1001 DC  A C6    
28  P  P     . DG  A 2 ? 0.1443 0.1702 0.2292 0.0292  0.0298  0.0134  1002 DG  A P     
29  O  OP1   . DG  A 2 ? 0.1393 0.1553 0.2770 0.0414  0.0156  -0.0137 1002 DG  A OP1   
30  O  OP2   . DG  A 2 ? 0.1916 0.1920 0.2340 0.0440  0.0847  0.0604  1002 DG  A OP2   
31  O  "O5'" . DG  A 2 ? 0.1138 0.1585 0.2323 -0.0048 0.0397  -0.0135 1002 DG  A "O5'" 
32  C  "C5'" . DG  A 2 ? 0.1727 0.2050 0.2308 0.0027  0.0388  0.0117  1002 DG  A "C5'" 
33  C  "C4'" . DG  A 2 ? 0.1643 0.1741 0.2523 0.0069  0.1028  0.0076  1002 DG  A "C4'" 
34  O  "O4'" . DG  A 2 ? 0.1794 0.1686 0.2626 -0.0037 0.0977  0.0094  1002 DG  A "O4'" 
35  C  "C3'" . DG  A 2 ? 0.2069 0.1408 0.3010 -0.0214 0.0402  0.0287  1002 DG  A "C3'" 
36  O  "O3'" . DG  A 2 ? 0.1559 0.1743 0.3287 -0.0052 0.0487  0.0187  1002 DG  A "O3'" 
37  C  "C2'" . DG  A 2 ? 0.1953 0.2041 0.3012 -0.0410 0.1257  -0.0294 1002 DG  A "C2'" 
38  C  "C1'" . DG  A 2 ? 0.2756 0.1570 0.2378 -0.0153 0.0369  0.0634  1002 DG  A "C1'" 
39  N  N9    . DG  A 2 ? 0.1794 0.1866 0.1832 -0.0455 0.0413  -0.0012 1002 DG  A N9    
40  C  C8    . DG  A 2 ? 0.2163 0.2244 0.2024 -0.0555 0.0090  0.0041  1002 DG  A C8    
41  N  N7    . DG  A 2 ? 0.1772 0.1695 0.2168 -0.0393 0.0295  0.0053  1002 DG  A N7    
42  C  C5    . DG  A 2 ? 0.1310 0.1356 0.1966 -0.0232 0.0107  0.0147  1002 DG  A C5    
43  C  C6    . DG  A 2 ? 0.1200 0.2012 0.1704 -0.0574 0.0291  0.0501  1002 DG  A C6    
44  O  O6    . DG  A 2 ? 0.1420 0.1822 0.1779 -0.0312 -0.0003 0.0492  1002 DG  A O6    
45  N  N1    . DG  A 2 ? 0.0956 0.1496 0.1593 -0.0177 0.0416  0.0216  1002 DG  A N1    
46  C  C2    . DG  A 2 ? 0.0933 0.1461 0.1865 -0.0008 0.0611  0.0283  1002 DG  A C2    
47  N  N2    . DG  A 2 ? 0.1093 0.1515 0.1711 -0.0042 0.0300  0.0179  1002 DG  A N2    
48  N  N3    . DG  A 2 ? 0.1114 0.1509 0.1733 -0.0010 0.0441  0.0248  1002 DG  A N3    
49  C  C4    . DG  A 2 ? 0.1481 0.1482 0.1809 -0.0230 0.0622  0.0137  1002 DG  A C4    
61  P  P     . DT  A 3 ? 0.1462 0.2371 0.4687 -0.0370 0.0326  0.0056  1003 DT  A P     
62  O  OP1   . DT  A 3 ? 0.1593 0.2154 0.6740 0.0240  0.0236  0.0159  1003 DT  A OP1   
63  O  OP2   . DT  A 3 ? 0.2474 0.6005 0.3386 0.0011  0.0976  -0.0394 1003 DT  A OP2   
64  O  "O5'" . DT  A 3 ? 0.1903 0.2280 0.4444 -0.0431 0.0711  -0.0142 1003 DT  A "O5'" 
65  C  "C5'" . DT  A 3 ? 0.1759 0.2236 0.4287 0.0472  -0.0188 0.0572  1003 DT  A "C5'" 
66  C  "C4'" A DT  A 3 ? 0.1585 0.1656 0.4435 -0.0180 0.0037  -0.0027 1003 DT  A "C4'" 
67  C  "C4'" B DT  A 3 ? 0.2307 0.1668 0.4969 0.0027  0.0185  -0.0096 1003 DT  A "C4'" 
68  O  "O4'" A DT  A 3 ? 0.1634 0.2084 0.2914 0.0138  0.0438  0.0107  1003 DT  A "O4'" 
69  O  "O4'" B DT  A 3 ? 0.1862 0.1453 0.4025 0.0148  -0.0064 0.0039  1003 DT  A "O4'" 
70  C  "C3'" A DT  A 3 ? 0.1409 0.2444 0.3959 -0.0628 -0.0393 -0.0102 1003 DT  A "C3'" 
71  C  "C3'" B DT  A 3 ? 0.2530 0.1871 0.4737 -0.0290 0.0045  -0.0054 1003 DT  A "C3'" 
72  O  "O3'" A DT  A 3 ? 0.2761 0.1645 0.4393 -0.0147 -0.0214 0.0243  1003 DT  A "O3'" 
73  O  "O3'" B DT  A 3 ? 0.3430 0.1177 0.4833 -0.0360 0.0135  0.0174  1003 DT  A "O3'" 
74  C  "C2'" A DT  A 3 ? 0.0816 0.1392 0.4783 -0.0098 0.0910  0.0107  1003 DT  A "C2'" 
75  C  "C2'" B DT  A 3 ? 0.2599 0.2263 0.4252 -0.0438 0.0315  0.0225  1003 DT  A "C2'" 
76  C  "C1'" A DT  A 3 ? 0.2221 0.1730 0.4303 -0.0139 0.0894  0.0200  1003 DT  A "C1'" 
77  C  "C1'" B DT  A 3 ? 0.1671 0.1228 0.4266 0.0149  0.0414  0.0264  1003 DT  A "C1'" 
78  N  N1    A DT  A 3 ? 0.1801 0.1600 0.4396 -0.0023 0.1623  0.0571  1003 DT  A N1    
79  N  N1    B DT  A 3 ? 0.1134 0.2021 0.4474 -0.0210 0.1025  0.0558  1003 DT  A N1    
80  C  C2    A DT  A 3 ? 0.1473 0.1936 0.4756 -0.0074 0.1521  0.0733  1003 DT  A C2    
81  C  C2    B DT  A 3 ? 0.1427 0.1801 0.4671 -0.0399 0.1250  0.0637  1003 DT  A C2    
82  O  O2    A DT  A 3 ? 0.1276 0.1534 0.4957 -0.0301 0.1119  0.0380  1003 DT  A O2    
83  O  O2    B DT  A 3 ? 0.1034 0.1790 0.5225 0.0141  0.0958  0.0472  1003 DT  A O2    
84  N  N3    A DT  A 3 ? 0.2017 0.2250 0.4400 -0.0627 0.2053  0.0435  1003 DT  A N3    
85  N  N3    B DT  A 3 ? 0.1353 0.1240 0.4825 -0.0062 0.1558  0.1005  1003 DT  A N3    
86  C  C4    A DT  A 3 ? 0.2284 0.2182 0.3832 -0.0650 0.1459  0.1079  1003 DT  A C4    
87  C  C4    B DT  A 3 ? 0.2015 0.1709 0.4270 -0.0146 0.1678  0.0882  1003 DT  A C4    
88  O  O4    A DT  A 3 ? 0.3335 0.1876 0.3431 -0.0280 0.1665  0.0306  1003 DT  A O4    
89  O  O4    B DT  A 3 ? 0.3024 0.2449 0.3060 -0.0233 0.1421  0.0843  1003 DT  A O4    
90  C  C5    A DT  A 3 ? 0.2414 0.1502 0.4091 -0.0032 0.1163  0.0962  1003 DT  A C5    
91  C  C5    B DT  A 3 ? 0.2264 0.1194 0.4485 -0.0181 0.1511  0.1035  1003 DT  A C5    
92  C  C7    A DT  A 3 ? 0.3173 0.2082 0.4206 0.0785  0.0404  0.0565  1003 DT  A C7    
93  C  C7    B DT  A 3 ? 0.3618 0.1876 0.4146 -0.0008 0.1109  0.1377  1003 DT  A C7    
94  C  C6    A DT  A 3 ? 0.1935 0.1626 0.4758 0.0097  0.1176  0.1275  1003 DT  A C6    
95  C  C6    B DT  A 3 ? 0.1961 0.1685 0.4618 -0.0166 0.2003  0.0414  1003 DT  A C6    
118 P  P     A DA  A 4 ? 0.2115 0.1636 0.4280 -0.0010 -0.0438 0.0474  1004 DA  A P     
119 P  P     B DA  A 4 ? 0.2440 0.1339 0.5378 0.0180  -0.0375 0.0554  1004 DA  A P     
120 O  OP1   A DA  A 4 ? 0.4508 0.1070 0.5841 0.0566  0.0115  0.0104  1004 DA  A OP1   
121 O  OP1   B DA  A 4 ? 0.3496 0.3270 0.4984 -0.0867 0.1614  -0.0406 1004 DA  A OP1   
122 O  OP2   A DA  A 4 ? 0.2685 0.2381 0.4932 -0.0094 -0.0064 -0.1467 1004 DA  A OP2   
123 O  OP2   B DA  A 4 ? 0.1874 0.2027 0.5427 0.1299  -0.0040 -0.0486 1004 DA  A OP2   
124 O  "O5'" A DA  A 4 ? 0.2334 0.1277 0.3851 0.0361  -0.0040 0.0541  1004 DA  A "O5'" 
125 O  "O5'" B DA  A 4 ? 0.2127 0.2586 0.3907 -0.0657 -0.0177 0.0161  1004 DA  A "O5'" 
126 C  "C5'" A DA  A 4 ? 0.2909 0.2084 0.2415 -0.0258 0.0216  -0.0296 1004 DA  A "C5'" 
127 C  "C5'" B DA  A 4 ? 0.2729 0.2623 0.2798 -0.0461 0.0271  0.0032  1004 DA  A "C5'" 
128 C  "C4'" . DA  A 4 ? 0.2578 0.1586 0.1910 -0.0332 0.0333  0.0483  1004 DA  A "C4'" 
129 O  "O4'" . DA  A 4 ? 0.1925 0.2796 0.1699 -0.0190 0.0599  0.0567  1004 DA  A "O4'" 
130 C  "C3'" . DA  A 4 ? 0.1695 0.1897 0.1972 0.0347  -0.0261 0.0225  1004 DA  A "C3'" 
131 O  "O3'" . DA  A 4 ? 0.1348 0.1779 0.1450 0.0173  0.0077  0.0424  1004 DA  A "O3'" 
132 C  "C2'" . DA  A 4 ? 0.1479 0.1629 0.1946 0.0230  0.0398  -0.0019 1004 DA  A "C2'" 
133 C  "C1'" . DA  A 4 ? 0.1486 0.1518 0.1861 -0.0024 0.0575  0.0270  1004 DA  A "C1'" 
134 N  N9    . DA  A 4 ? 0.1455 0.1482 0.1587 0.0072  0.0411  0.0158  1004 DA  A N9    
135 C  C8    . DA  A 4 ? 0.1381 0.2035 0.1529 0.0092  0.0103  0.0147  1004 DA  A C8    
136 N  N7    . DA  A 4 ? 0.1713 0.1779 0.1752 -0.0095 0.0436  0.0267  1004 DA  A N7    
137 C  C5    . DA  A 4 ? 0.1435 0.1706 0.1383 -0.0159 0.0445  0.0444  1004 DA  A C5    
138 C  C6    . DA  A 4 ? 0.1776 0.2169 0.1618 -0.0437 0.0622  0.0776  1004 DA  A C6    
139 N  N6    . DA  A 4 ? 0.2148 0.2779 0.1229 -0.0552 0.0409  -0.0019 1004 DA  A N6    
140 N  N1    . DA  A 4 ? 0.1134 0.1992 0.1807 -0.0293 0.0132  0.0660  1004 DA  A N1    
141 C  C2    . DA  A 4 ? 0.1251 0.1788 0.1498 -0.0183 0.0091  0.0545  1004 DA  A C2    
142 N  N3    . DA  A 4 ? 0.1249 0.1520 0.1763 -0.0226 0.0509  0.0398  1004 DA  A N3    
143 C  C4    . DA  A 4 ? 0.1422 0.1637 0.1342 0.0023  0.0532  0.0383  1004 DA  A C4    
157 P  P     . DC  A 5 ? 0.1253 0.1910 0.1534 0.0259  0.0246  0.0385  1005 DC  A P     
158 O  OP1   . DC  A 5 ? 0.1107 0.1960 0.1625 0.0143  0.0144  0.0377  1005 DC  A OP1   
159 O  OP2   . DC  A 5 ? 0.1456 0.2777 0.1682 0.0729  0.0263  0.0284  1005 DC  A OP2   
160 O  "O5'" . DC  A 5 ? 0.1241 0.1654 0.1564 0.0297  0.0429  0.0437  1005 DC  A "O5'" 
161 C  "C5'" . DC  A 5 ? 0.1278 0.1896 0.1336 0.0094  0.0270  0.0244  1005 DC  A "C5'" 
162 C  "C4'" . DC  A 5 ? 0.1156 0.1569 0.1297 0.0096  0.0214  0.0300  1005 DC  A "C4'" 
163 O  "O4'" . DC  A 5 ? 0.1094 0.1718 0.1372 -0.0042 0.0367  0.0259  1005 DC  A "O4'" 
164 C  "C3'" . DC  A 5 ? 0.1401 0.1600 0.1500 0.0084  0.0128  0.0465  1005 DC  A "C3'" 
165 O  "O3'" . DC  A 5 ? 0.1256 0.1839 0.1949 -0.0002 0.0164  0.0398  1005 DC  A "O3'" 
166 C  "C2'" . DC  A 5 ? 0.1149 0.2088 0.1761 0.0009  0.0409  0.0557  1005 DC  A "C2'" 
167 C  "C1'" . DC  A 5 ? 0.1251 0.1178 0.1485 0.0191  0.0413  0.0280  1005 DC  A "C1'" 
168 N  N1    . DC  A 5 ? 0.1253 0.1525 0.1530 -0.0096 0.0651  0.0267  1005 DC  A N1    
169 C  C2    . DC  A 5 ? 0.1135 0.1766 0.1301 -0.0321 0.0343  0.0480  1005 DC  A C2    
170 O  O2    . DC  A 5 ? 0.1327 0.1708 0.1374 0.0051  0.0385  0.0155  1005 DC  A O2    
171 N  N3    . DC  A 5 ? 0.1123 0.1490 0.1475 -0.0037 0.0425  0.0230  1005 DC  A N3    
172 C  C4    . DC  A 5 ? 0.1079 0.1645 0.1833 0.0043  0.0544  0.0419  1005 DC  A C4    
173 N  N4    . DC  A 5 ? 0.1800 0.1764 0.1712 0.0304  0.0462  0.0079  1005 DC  A N4    
174 C  C5    . DC  A 5 ? 0.1439 0.1534 0.1688 0.0269  0.0455  0.0125  1005 DC  A C5    
175 C  C6    . DC  A 5 ? 0.1367 0.1647 0.1493 0.0227  0.0563  0.0321  1005 DC  A C6    
187 P  P     . DG  A 6 ? 0.1624 0.1888 0.1945 -0.0377 0.0084  0.0284  1006 DG  A P     
188 O  OP1   . DG  A 6 ? 0.1919 0.2438 0.3131 -0.0405 0.0093  -0.0684 1006 DG  A OP1   
189 O  OP2   . DG  A 6 ? 0.1426 0.2438 0.2105 -0.0503 0.0213  0.0076  1006 DG  A OP2   
190 O  "O5'" . DG  A 6 ? 0.2724 0.3089 0.3279 -0.1469 -0.0236 0.1202  1006 DG  A "O5'" 
191 C  "C5'" . DG  A 6 ? 0.4313 0.3982 0.1501 -0.2210 0.0898  0.0240  1006 DG  A "C5'" 
192 C  "C4'" . DG  A 6 ? 0.1644 0.1800 0.2429 -0.0370 0.0328  -0.0172 1006 DG  A "C4'" 
193 O  "O4'" . DG  A 6 ? 0.1986 0.1824 0.1668 -0.0351 0.0436  -0.0243 1006 DG  A "O4'" 
194 C  "C3'" . DG  A 6 ? 0.2804 0.2337 0.1837 -0.0552 0.0545  -0.0115 1006 DG  A "C3'" 
196 C  "C2'" . DG  A 6 ? 0.1796 0.2471 0.2129 -0.0889 0.0329  0.0016  1006 DG  A "C2'" 
197 C  "C1'" . DG  A 6 ? 0.1479 0.1942 0.2000 -0.0126 0.0880  0.0092  1006 DG  A "C1'" 
198 N  N9    . DG  A 6 ? 0.1398 0.1821 0.1506 -0.0170 0.0446  0.0260  1006 DG  A N9    
199 C  C8    . DG  A 6 ? 0.1408 0.1855 0.1328 -0.0272 0.0263  0.0141  1006 DG  A C8    
200 N  N7    . DG  A 6 ? 0.1250 0.1835 0.1349 -0.0203 0.0162  0.0054  1006 DG  A N7    
201 C  C5    . DG  A 6 ? 0.1407 0.2060 0.1372 -0.0043 0.0484  0.0414  1006 DG  A C5    
202 C  C6    . DG  A 6 ? 0.1175 0.2302 0.1074 -0.0159 0.0503  0.0255  1006 DG  A C6    
203 O  O6    . DG  A 6 ? 0.1392 0.1760 0.1504 0.0232  0.0463  0.0174  1006 DG  A O6    
204 N  N1    . DG  A 6 ? 0.1055 0.1570 0.1197 0.0149  0.0338  0.0136  1006 DG  A N1    
205 C  C2    . DG  A 6 ? 0.1215 0.1651 0.1273 0.0129  0.0715  0.0377  1006 DG  A C2    
206 N  N2    . DG  A 6 ? 0.1246 0.1252 0.1528 0.0093  0.0398  0.0119  1006 DG  A N2    
207 N  N3    . DG  A 6 ? 0.1373 0.1465 0.1558 0.0055  0.0649  0.0158  1006 DG  A N3    
208 C  C4    . DG  A 6 ? 0.1290 0.1579 0.1477 -0.0181 0.0704  0.0388  1006 DG  A C4    
221 C  C1    C DAX B . ? 0.2120 0.2759 0.1086 -0.0842 0.0632  -0.0071 2000 DAX A C1    
222 C  C2    C DAX B . ? 0.2521 0.1597 0.1118 -0.1142 0.0506  -0.0192 2000 DAX A C2    
223 C  C3    C DAX B . ? 0.2798 0.1036 0.2206 -0.0289 0.1094  0.0488  2000 DAX A C3    
224 C  C4    C DAX B . ? 0.2719 0.2232 0.2045 -0.0286 0.1609  0.0251  2000 DAX A C4    
225 C  C5    C DAX B . ? 0.0651 0.1565 0.2562 0.0093  0.0239  0.0639  2000 DAX A C5    
226 C  C6    C DAX B . ? 0.1304 0.1812 0.1540 -0.0127 0.0046  0.0469  2000 DAX A C6    
227 C  C7    C DAX B . ? 0.1618 0.2287 0.1889 0.0102  0.0334  0.0689  2000 DAX A C7    
228 C  C8    C DAX B . ? 0.1236 0.1521 0.2080 0.0025  0.0345  0.0558  2000 DAX A C8    
229 C  C9    C DAX B . ? 0.1263 0.2863 0.0978 -0.0346 0.0360  0.0216  2000 DAX A C9    
230 N  N9    C DAX B . ? 0.1034 0.1862 0.1404 0.0038  -0.0045 0.0451  2000 DAX A N9    
231 N  N10   C DAX B . ? 0.1425 0.1537 0.1551 0.0130  0.0824  0.0492  2000 DAX A N10   
232 C  C11   C DAX B . ? 0.1539 0.2363 0.0969 -0.0113 0.0581  0.0018  2000 DAX A C11   
233 C  C12   C DAX B . ? 0.1550 0.2151 0.0862 -0.0480 0.0434  0.0295  2000 DAX A C12   
234 C  C13   C DAX B . ? 0.1132 0.1417 0.1568 0.0026  0.0690  -0.0325 2000 DAX A C13   
235 C  C14   C DAX B . ? 0.0385 0.1835 0.1892 0.0238  0.0518  0.0116  2000 DAX A C14   
236 C  CD1   C DAX B . ? 0.3182 0.1617 0.3185 -0.0571 0.2331  0.0097  2000 DAX A CD1   
237 O  OD1   C DAX B . ? 0.3691 0.1352 0.5767 0.0600  0.3038  0.0702  2000 DAX A OD1   
238 N  ND1   C DAX B . ? 0.2684 0.1499 0.4681 -0.0145 0.2419  -0.0070 2000 DAX A ND1   
239 BR BR    C DAX B . ? 0.1695 0.2339 0.2538 0.0548  0.0434  0.1002  2000 DAX A BR    
240 C  CD2   C DAX B . ? 0.3070 0.2017 0.4147 -0.0662 0.1433  0.0152  2000 DAX A CD2   
241 C  CD3   C DAX B . ? 0.3864 0.3822 0.3877 -0.1537 0.1341  0.0048  2000 DAX A CD3   
242 N  ND2   C DAX B . ? 0.5064 0.3733 0.3003 -0.2159 0.1305  -0.0068 2000 DAX A ND2   
243 C  CD7   C DAX B . ? 0.4356 0.3672 0.3500 -0.1405 -0.0877 0.1843  2000 DAX A CD7   
244 C  CD8   C DAX B . ? 0.1944 0.1522 0.3616 0.0055  0.0065  -0.0802 2000 DAX A CD8   
266 C  C1    D DAX C . ? 0.1548 0.3733 0.1897 -0.0341 0.0780  0.0362  3000 DAX A C1    
267 C  C1    F DAX C . ? 0.1538 0.1679 0.1342 -0.0130 0.0069  0.0957  3000 DAX A C1    
268 C  C2    D DAX C . ? 0.2188 0.3672 0.1743 -0.0575 0.1480  -0.0111 3000 DAX A C2    
269 C  C2    F DAX C . ? 0.2130 0.0715 0.2816 0.0255  0.0666  0.0760  3000 DAX A C2    
270 C  C3    D DAX C . ? 0.1943 0.3645 0.3274 -0.0613 0.1321  0.0551  3000 DAX A C3    
271 C  C3    F DAX C . ? 0.2211 0.2132 0.1759 -0.0487 0.0625  0.0458  3000 DAX A C3    
272 C  C4    D DAX C . ? 0.2582 0.1638 0.2235 0.0232  0.1024  0.0597  3000 DAX A C4    
273 C  C4    F DAX C . ? 0.1781 0.1019 0.2489 0.0307  0.0796  0.1156  3000 DAX A C4    
274 C  C5    D DAX C . ? 0.2178 0.1957 0.2299 0.0128  0.1020  0.1463  3000 DAX A C5    
275 C  C5    F DAX C . ? 0.2140 0.3042 0.1743 -0.0161 0.0794  0.1266  3000 DAX A C5    
276 C  C6    D DAX C . ? 0.1951 0.2483 0.1830 -0.0409 0.0410  0.0716  3000 DAX A C6    
277 C  C6    F DAX C . ? 0.2387 0.2559 0.2837 0.0024  0.1246  0.0620  3000 DAX A C6    
278 C  C7    D DAX C . ? 0.1646 0.1438 0.2162 0.0070  0.0078  0.0966  3000 DAX A C7    
279 C  C7    F DAX C . ? 0.2406 0.3676 0.2422 -0.0622 0.1493  -0.0113 3000 DAX A C7    
280 C  C8    D DAX C . ? 0.1373 0.1081 0.1714 -0.0115 0.0721  0.0290  3000 DAX A C8    
281 C  C8    F DAX C . ? 0.1942 0.3746 0.2013 -0.0267 0.0942  0.0157  3000 DAX A C8    
282 C  C9    D DAX C . ? 0.1549 0.1893 0.1858 -0.0092 0.0718  0.0384  3000 DAX A C9    
283 C  C9    F DAX C . ? 0.1521 0.1896 0.1340 -0.0097 0.0514  0.0510  3000 DAX A C9    
284 N  N9    D DAX C . ? 0.1560 0.2347 0.2223 -0.0018 0.0540  0.0597  3000 DAX A N9    
285 N  N9    F DAX C . ? 0.2899 0.3797 0.1105 -0.1075 0.1493  0.0307  3000 DAX A N9    
286 N  N10   D DAX C . ? 0.3190 0.2181 0.2282 -0.0477 0.1529  0.0611  3000 DAX A N10   
287 N  N10   F DAX C . ? 0.2017 0.2264 0.1966 -0.0826 0.1598  0.0469  3000 DAX A N10   
288 C  C11   D DAX C . ? 0.1631 0.2293 0.1925 -0.0813 0.1238  -0.0092 3000 DAX A C11   
289 C  C11   F DAX C . ? 0.1957 0.1816 0.1718 -0.0129 0.1075  0.0512  3000 DAX A C11   
290 C  C12   D DAX C . ? 0.2436 0.2692 0.2375 -0.0625 0.1599  0.0035  3000 DAX A C12   
291 C  C12   F DAX C . ? 0.1532 0.1230 0.1656 0.0436  0.1100  0.1152  3000 DAX A C12   
292 C  C13   D DAX C . ? 0.1750 0.1676 0.2065 -0.0215 0.1028  0.0255  3000 DAX A C13   
293 C  C13   F DAX C . ? 0.1603 0.2854 0.1973 -0.0346 0.0793  0.0279  3000 DAX A C13   
294 C  C14   D DAX C . ? 0.2737 0.1469 0.2250 -0.0420 0.1560  0.0407  3000 DAX A C14   
295 C  C14   F DAX C . ? 0.2532 0.2529 0.2293 -0.0642 0.1796  0.0270  3000 DAX A C14   
296 C  CD1   D DAX C . ? 0.1253 0.4550 0.1542 -0.1483 0.0463  0.0608  3000 DAX A CD1   
297 C  CD1   F DAX C . ? 0.2791 0.0121 0.2085 -0.0302 0.2675  0.0062  3000 DAX A CD1   
298 O  OD1   D DAX C . ? 0.6400 0.4553 0.3487 0.0767  0.3394  0.1469  3000 DAX A OD1   
299 O  OD1   F DAX C . ? 0.0457 0.3132 0.3136 -0.0317 -0.0194 0.2486  3000 DAX A OD1   
300 N  ND1   D DAX C . ? 0.6352 0.7728 0.2422 -0.3874 0.3114  -0.1511 3000 DAX A ND1   
301 N  ND1   F DAX C . ? 0.2086 0.3785 0.1611 -0.0632 0.0704  0.1487  3000 DAX A ND1   
302 BR BR    D DAX C . ? 0.3326 0.2885 0.3800 0.1103  0.2058  0.1206  3000 DAX A BR    
303 BR BR    F DAX C . ? 0.3326 0.2885 0.3800 0.1103  0.2058  0.1206  3000 DAX A BR    
304 C  CD2   D DAX C . ? 0.6081 0.9170 0.1816 -0.3347 0.0533  -0.1503 3000 DAX A CD2   
305 C  CD2   F DAX C . ? 0.2876 0.4704 0.2722 -0.0895 0.1251  0.0785  3000 DAX A CD2   
306 C  CD3   D DAX C . ? 0.5448 0.6814 0.3924 -0.2306 0.0680  -0.2348 3000 DAX A CD3   
307 C  CD3   F DAX C . ? 0.2602 0.3983 0.3331 -0.0197 0.1602  0.0581  3000 DAX A CD3   
308 N  ND2   D DAX C . ? 0.6788 0.8949 0.4239 -0.2612 0.0164  -0.2273 3000 DAX A ND2   
309 N  ND2   F DAX C . ? 0.0966 0.3046 0.4134 0.0658  0.0506  0.1331  3000 DAX A ND2   
310 C  CD7   D DAX C . ? 0.7768 1.3017 0.5095 -0.4982 -0.1437 -0.3646 3000 DAX A CD7   
311 C  CD7   F DAX C . ? 0.2535 0.6843 0.5342 -0.2553 0.0795  0.1191  3000 DAX A CD7   
312 C  CD8   D DAX C . ? 0.6832 0.5395 0.6948 0.0573  0.2470  -0.2302 3000 DAX A CD8   
313 C  CD8   F DAX C . ? 0.2325 0.2764 0.5393 0.1070  0.1982  0.1338  3000 DAX A CD8   
356 N  N1    . SPM D . ? 1.1397 1.0607 0.4716 -0.3580 0.2049  0.1268  4000 SPM A N1    
357 C  C2    . SPM D . ? 0.6199 0.3414 0.2802 -0.1438 0.0859  0.0241  4000 SPM A C2    
358 C  C3    . SPM D . ? 0.8918 0.3229 0.4874 -0.2468 0.2655  -0.0926 4000 SPM A C3    
359 C  C4    . SPM D . ? 1.2463 0.5021 0.4997 -0.4749 0.3842  -0.1942 4000 SPM A C4    
360 N  N5    . SPM D . ? 1.5195 0.9449 0.4998 -0.6160 0.4340  -0.1962 4000 SPM A N5    
361 C  C6    . SPM D . ? 1.6905 1.1185 0.4558 -0.7483 0.4602  -0.2470 4000 SPM A C6    
362 C  C7    . SPM D . ? 1.7207 1.2088 0.5164 -0.7660 0.4520  -0.1690 4000 SPM A C7    
376 O  O     . HOH E . ? 0.1969 0.1596 0.1681 0.0060  0.0375  0.0349  5001 HOH A O     
377 O  O     . HOH E . ? 0.1919 0.1651 0.2386 -0.0449 0.0728  0.0180  5002 HOH A O     
378 O  O     . HOH E . ? 0.2258 0.3128 0.3579 0.0226  0.0555  -0.0213 5003 HOH A O     
379 O  O     . HOH E . ? 0.4582 0.3311 0.3622 0.0837  0.0886  0.0178  5004 HOH A O     
380 O  O     . HOH E . ? 0.1711 0.1848 0.2251 0.0150  -0.0210 0.0606  5005 HOH A O     
381 O  O     . HOH E . ? 0.2274 0.2633 0.3059 -0.0151 0.0265  0.0582  5006 HOH A O     
382 O  O     . HOH E . ? 0.3215 0.1791 0.2505 -0.0183 0.1120  0.0053  5007 HOH A O     
383 O  O     . HOH E . ? 0.2868 0.3497 0.3263 0.0675  0.0023  0.1111  5008 HOH A O     
384 O  O     . HOH E . ? 0.2933 0.4586 0.3882 -0.0144 -0.0862 0.0532  5009 HOH A O     
385 O  O     . HOH E . ? 0.2707 0.2428 0.4445 0.0952  0.0188  -0.0105 5010 HOH A O     
386 O  O     . HOH E . ? 0.1490 0.1558 0.1685 0.0142  0.0173  0.0280  5011 HOH A O     
387 O  O     . HOH E . ? 0.3888 0.5301 0.3713 0.1648  0.0632  -0.0178 5012 HOH A O     
388 O  O     . HOH E . ? 0.1929 0.6115 0.3997 0.0398  0.0521  -0.0302 5013 HOH A O     
389 O  O     . HOH E . ? 0.3766 0.5389 0.3724 0.1763  -0.0298 0.0811  5014 HOH A O     
390 O  O     . HOH E . ? 0.5134 0.4074 0.2827 -0.1485 0.0483  -0.0110 5015 HOH A O     
391 O  O     . HOH E . ? 0.3162 0.6093 0.6058 0.1175  0.0303  -0.0769 5016 HOH A O     
392 O  O     . HOH E . ? 0.2222 0.2784 0.4080 0.0267  -0.0395 0.0003  5017 HOH A O     
393 O  O     . HOH E . ? 0.2674 0.3657 0.2642 0.1333  -0.0022 0.0515  5018 HOH A O     
394 O  O     . HOH E . ? 0.4563 0.4727 0.6396 0.0328  0.0607  0.0741  5019 HOH A O     
395 O  O     . HOH E . ? 1.1739 0.8841 0.7381 -0.4638 0.5344  -0.1730 5020 HOH A O     
396 O  O     . HOH E . ? 0.2594 0.1868 0.3868 0.0996  -0.1332 -0.0983 5021 HOH A O     
397 O  O     . HOH E . ? 0.1752 0.1928 0.1640 0.0606  0.0028  0.0041  5022 HOH A O     
398 O  O     . HOH E . ? 0.4796 0.3764 0.4778 0.0293  -0.2059 -0.0314 5023 HOH A O     
399 O  O     . HOH E . ? 0.3240 0.3374 0.4106 0.0190  -0.0048 0.1146  5024 HOH A O     
400 O  O     D HOH E . ? 0.9205 0.3777 0.3736 0.3262  -0.0081 0.0045  5025 HOH A O     
401 O  O     . HOH E . ? 0.3804 0.6371 0.6979 0.0732  -0.1145 0.0640  5026 HOH A O     
402 O  O     . HOH E . ? 0.9889 0.3128 0.4710 0.0326  0.3404  0.0338  5027 HOH A O     
403 O  O     . HOH E . ? 0.9245 0.6197 0.4752 0.2392  0.2447  -0.0008 5028 HOH A O     
404 O  O     . HOH E . ? 0.5005 0.3615 0.4268 0.0938  -0.0527 0.0364  5029 HOH A O     
405 O  O     . HOH E . ? 0.3587 0.5888 0.7318 0.1844  0.0295  0.3510  5030 HOH A O     
406 O  O     . HOH E . ? 0.5749 0.4280 0.4840 0.0908  0.3170  0.1471  5031 HOH A O     
407 O  O     . HOH E . ? 1.1287 0.8670 0.6125 -0.6174 0.6511  -0.3940 5032 HOH A O     
408 O  O     . HOH E . ? 0.5911 0.6303 0.7003 0.4176  0.1652  0.2438  5033 HOH A O     
409 O  O     . HOH E . ? 1.4988 0.3873 1.5659 -0.2421 0.3935  0.4557  5037 HOH A O     
410 O  O     . HOH E . ? 0.3752 0.3431 0.2033 -0.0714 -0.0641 0.1114  5039 HOH A O     
411 O  O     . HOH E . ? 0.2802 0.3296 0.2473 -0.0032 -0.0216 -0.1313 5042 HOH A O     
412 O  O     . HOH E . ? 0.3989 0.5017 0.3259 -0.0584 0.0421  -0.0161 5043 HOH A O     
# 
